data_5L24
#
_entry.id   5L24
#
_cell.length_a   116.160
_cell.length_b   116.160
_cell.length_c   274.560
_cell.angle_alpha   90.00
_cell.angle_beta   90.00
_cell.angle_gamma   120.00
#
_symmetry.space_group_name_H-M   'P 61'
#
loop_
_entity.id
_entity.type
_entity.pdbx_description
1 polymer 'Nucleoside permease'
2 non-polymer '2-{[(4-O-alpha-D-glucopyranosyl-beta-D-glucopyranosyl)oxy]methyl}-2-octyldecyl 4-O-alpha-D-glucopyranosyl-beta-D-glucopyranoside'
#
_entity_poly.entity_id   1
_entity_poly.type   'polypeptide(L)'
_entity_poly.pdbx_seq_one_letter_code
;GPAVPRMVVLHSLLGMAVLIAIAVLLSTDRKAINIRTVAGAFLIQVALGALVLYVPQGRDMLGEASKTISNVIAYGNNGV
DFLFGGLVSEKMFEVFGGGGFVFALRVLPMIVFFSSLMAVLYYIGVMQLLIKVIGGFLQKMLGTSKAESMSAAALIFVGQ
TEAPLVVRPYIRRMTESELFAVMSGGLASVAGSVLAGYVQMGVPLPYLIAASFMAAPGGLLFAKLLVPETERTQNDAEVL
AENEDEKPTNVIDAAASGAVTGAQIAIAVGASLLAFVALIAMINGIIGGVGGWFGHGDLTLQAILGWLFSPLAWVIGVPW
SEAGIAGSLIGQKVVINEFVAYSEFVKYLKPEAAVQLSDTTKAIISFALCGFANLGSIAVLVGGLSIMAPKRRKDVARLG
IKAVVAGSLSNLMSAVIAGLFTGLSGASVLG
;
_entity_poly.pdbx_strand_id   A,C,B
#
loop_
_chem_comp.id
_chem_comp.type
_chem_comp.name
_chem_comp.formula
6ZL non-polymer '2-{[(4-O-alpha-D-glucopyranosyl-beta-D-glucopyranosyl)oxy]methyl}-2-octyldecyl 4-O-alpha-D-glucopyranosyl-beta-D-glucopyranoside' 'C43 H80 O22'
#
# COMPACT_ATOMS: atom_id res chain seq x y z
N MET A 7 -1.80 47.56 -20.68
CA MET A 7 -1.42 46.79 -21.86
C MET A 7 0.05 47.01 -22.18
N VAL A 8 0.77 47.65 -21.27
CA VAL A 8 2.17 47.91 -21.46
C VAL A 8 2.97 46.62 -21.28
N VAL A 9 2.65 45.89 -20.21
CA VAL A 9 3.27 44.62 -19.83
C VAL A 9 4.79 44.62 -19.99
N LEU A 10 5.39 45.75 -19.67
CA LEU A 10 6.84 45.86 -19.62
C LEU A 10 7.32 45.28 -18.32
N HIS A 11 6.42 45.32 -17.34
CA HIS A 11 6.66 44.77 -16.02
C HIS A 11 7.17 43.33 -16.12
N SER A 12 6.64 42.60 -17.09
CA SER A 12 7.06 41.23 -17.35
C SER A 12 8.56 41.13 -17.61
N LEU A 13 9.03 41.90 -18.58
CA LEU A 13 10.45 41.90 -18.92
C LEU A 13 11.28 42.19 -17.69
N LEU A 14 10.77 43.09 -16.87
CA LEU A 14 11.42 43.41 -15.61
C LEU A 14 11.50 42.15 -14.77
N GLY A 15 10.46 41.33 -14.84
CA GLY A 15 10.45 40.08 -14.11
C GLY A 15 11.54 39.14 -14.57
N MET A 16 11.56 38.86 -15.87
CA MET A 16 12.60 38.04 -16.46
C MET A 16 13.96 38.53 -15.99
N ALA A 17 14.10 39.84 -16.03
CA ALA A 17 15.32 40.49 -15.62
C ALA A 17 15.68 40.12 -14.21
N VAL A 18 14.77 40.34 -13.27
CA VAL A 18 15.10 40.11 -11.88
C VAL A 18 15.47 38.66 -11.64
N LEU A 19 14.71 37.75 -12.25
CA LEU A 19 14.98 36.34 -12.03
C LEU A 19 16.37 35.97 -12.53
N ILE A 20 16.61 36.22 -13.82
CA ILE A 20 17.89 35.86 -14.40
C ILE A 20 19.02 36.51 -13.62
N ALA A 21 18.77 37.73 -13.15
CA ALA A 21 19.74 38.45 -12.37
C ALA A 21 20.10 37.68 -11.13
N ILE A 22 19.09 37.33 -10.34
CA ILE A 22 19.32 36.59 -9.11
C ILE A 22 20.11 35.33 -9.39
N ALA A 23 19.77 34.69 -10.50
CA ALA A 23 20.50 33.51 -10.92
C ALA A 23 21.98 33.83 -11.07
N VAL A 24 22.30 34.79 -11.92
CA VAL A 24 23.68 35.11 -12.24
C VAL A 24 24.46 35.45 -10.98
N LEU A 25 23.87 36.31 -10.16
CA LEU A 25 24.51 36.70 -8.92
C LEU A 25 24.86 35.48 -8.11
N LEU A 26 23.87 34.62 -7.88
CA LEU A 26 24.10 33.46 -7.04
C LEU A 26 25.10 32.48 -7.63
N SER A 27 25.28 32.55 -8.95
CA SER A 27 26.06 31.56 -9.66
C SER A 27 27.49 31.50 -9.15
N THR A 28 28.13 30.35 -9.30
CA THR A 28 29.48 30.20 -8.79
C THR A 28 30.46 30.95 -9.66
N ASP A 29 30.68 30.48 -10.88
CA ASP A 29 31.64 31.15 -11.75
C ASP A 29 30.94 32.11 -12.69
N ARG A 30 31.18 33.41 -12.50
CA ARG A 30 30.57 34.43 -13.31
C ARG A 30 30.92 34.22 -14.77
N LYS A 31 32.21 34.20 -15.05
CA LYS A 31 32.73 34.28 -16.40
C LYS A 31 32.35 33.10 -17.26
N ALA A 32 32.45 31.90 -16.69
CA ALA A 32 32.39 30.68 -17.48
C ALA A 32 31.07 30.50 -18.23
N ILE A 33 30.07 31.30 -17.89
CA ILE A 33 28.79 31.22 -18.56
C ILE A 33 28.94 31.37 -20.05
N ASN A 34 28.41 30.42 -20.82
CA ASN A 34 28.41 30.55 -22.27
C ASN A 34 27.08 31.09 -22.75
N ILE A 35 27.12 32.32 -23.24
CA ILE A 35 25.91 33.09 -23.46
C ILE A 35 25.05 32.48 -24.56
N ARG A 36 25.70 31.82 -25.51
CA ARG A 36 24.98 31.13 -26.58
C ARG A 36 24.04 30.12 -25.97
N THR A 37 24.56 29.32 -25.06
CA THR A 37 23.78 28.29 -24.42
C THR A 37 22.64 28.87 -23.61
N VAL A 38 22.94 29.81 -22.71
CA VAL A 38 21.92 30.30 -21.80
C VAL A 38 20.84 31.13 -22.50
N ALA A 39 21.25 32.16 -23.23
CA ALA A 39 20.29 32.99 -23.92
C ALA A 39 19.57 32.14 -24.93
N GLY A 40 20.25 31.11 -25.40
CA GLY A 40 19.62 30.16 -26.29
C GLY A 40 18.46 29.49 -25.61
N ALA A 41 18.71 28.87 -24.47
CA ALA A 41 17.69 28.10 -23.79
C ALA A 41 16.53 29.01 -23.48
N PHE A 42 16.84 30.13 -22.84
CA PHE A 42 15.84 31.14 -22.52
C PHE A 42 14.97 31.43 -23.71
N LEU A 43 15.62 31.63 -24.84
CA LEU A 43 14.90 32.02 -26.04
C LEU A 43 14.01 30.88 -26.51
N ILE A 44 14.42 29.65 -26.26
CA ILE A 44 13.58 28.52 -26.63
C ILE A 44 12.37 28.47 -25.72
N GLN A 45 12.59 28.76 -24.45
CA GLN A 45 11.52 28.74 -23.48
C GLN A 45 10.46 29.75 -23.88
N VAL A 46 10.86 31.00 -24.05
CA VAL A 46 9.90 32.01 -24.45
C VAL A 46 9.31 31.69 -25.81
N ALA A 47 10.10 31.06 -26.67
CA ALA A 47 9.64 30.73 -28.00
C ALA A 47 8.44 29.82 -27.90
N LEU A 48 8.58 28.74 -27.13
CA LEU A 48 7.45 27.84 -26.92
C LEU A 48 6.34 28.60 -26.26
N GLY A 49 6.70 29.50 -25.36
CA GLY A 49 5.72 30.31 -24.66
C GLY A 49 4.78 30.99 -25.62
N ALA A 50 5.37 31.59 -26.65
CA ALA A 50 4.59 32.24 -27.67
C ALA A 50 3.89 31.20 -28.52
N LEU A 51 4.54 30.07 -28.69
CA LEU A 51 4.08 29.10 -29.66
C LEU A 51 2.77 28.45 -29.23
N VAL A 52 2.65 28.16 -27.95
CA VAL A 52 1.47 27.47 -27.45
C VAL A 52 0.42 28.40 -26.85
N LEU A 53 0.65 29.71 -26.91
CA LEU A 53 -0.26 30.65 -26.27
C LEU A 53 -0.73 31.77 -27.18
N TYR A 54 0.21 32.58 -27.65
CA TYR A 54 -0.11 33.75 -28.46
C TYR A 54 -0.55 33.31 -29.85
N VAL A 55 0.35 32.68 -30.59
CA VAL A 55 0.01 32.22 -31.94
C VAL A 55 -0.98 31.07 -31.92
N PRO A 56 -2.10 31.24 -32.62
CA PRO A 56 -3.27 30.36 -32.57
C PRO A 56 -2.97 28.91 -32.96
N GLN A 57 -1.95 28.71 -33.79
CA GLN A 57 -1.66 27.39 -34.31
C GLN A 57 -1.31 26.42 -33.17
N GLY A 58 -0.28 26.79 -32.42
CA GLY A 58 0.18 25.98 -31.32
C GLY A 58 -0.90 25.87 -30.27
N ARG A 59 -1.73 26.90 -30.19
CA ARG A 59 -2.85 26.86 -29.28
C ARG A 59 -3.74 25.70 -29.64
N ASP A 60 -4.06 25.58 -30.93
CA ASP A 60 -4.88 24.49 -31.42
C ASP A 60 -4.23 23.17 -31.11
N MET A 61 -2.93 23.07 -31.39
CA MET A 61 -2.19 21.85 -31.09
C MET A 61 -2.38 21.47 -29.64
N LEU A 62 -2.25 22.47 -28.77
CA LEU A 62 -2.37 22.30 -27.34
C LEU A 62 -3.75 21.79 -27.02
N GLY A 63 -4.73 22.23 -27.80
CA GLY A 63 -6.08 21.75 -27.65
C GLY A 63 -6.14 20.26 -27.93
N GLU A 64 -5.64 19.87 -29.09
CA GLU A 64 -5.63 18.46 -29.49
C GLU A 64 -5.00 17.58 -28.42
N ALA A 65 -3.82 17.99 -27.96
CA ALA A 65 -3.13 17.21 -26.93
C ALA A 65 -3.98 17.14 -25.68
N SER A 66 -4.55 18.28 -25.33
CA SER A 66 -5.34 18.41 -24.12
C SER A 66 -6.46 17.40 -24.12
N LYS A 67 -7.30 17.47 -25.12
CA LYS A 67 -8.44 16.57 -25.21
C LYS A 67 -7.97 15.14 -25.35
N THR A 68 -6.80 14.95 -25.95
CA THR A 68 -6.29 13.61 -26.17
C THR A 68 -6.00 12.92 -24.84
N ILE A 69 -5.12 13.51 -24.05
CA ILE A 69 -4.77 12.86 -22.80
C ILE A 69 -5.94 12.99 -21.85
N SER A 70 -6.87 13.89 -22.15
CA SER A 70 -8.08 13.98 -21.35
C SER A 70 -8.90 12.72 -21.57
N ASN A 71 -8.93 12.26 -22.81
CA ASN A 71 -9.62 11.03 -23.15
C ASN A 71 -8.91 9.85 -22.50
N VAL A 72 -7.59 9.86 -22.55
CA VAL A 72 -6.82 8.82 -21.88
C VAL A 72 -7.24 8.75 -20.41
N ILE A 73 -7.32 9.93 -19.82
CA ILE A 73 -7.80 10.09 -18.46
C ILE A 73 -9.18 9.49 -18.27
N ALA A 74 -10.07 9.70 -19.22
CA ALA A 74 -11.40 9.12 -19.13
C ALA A 74 -11.31 7.60 -19.07
N TYR A 75 -10.35 7.04 -19.82
CA TYR A 75 -10.16 5.61 -19.80
C TYR A 75 -9.72 5.23 -18.39
N GLY A 76 -8.92 6.11 -17.80
CA GLY A 76 -8.50 5.92 -16.42
C GLY A 76 -9.67 5.82 -15.46
N ASN A 77 -10.53 6.85 -15.48
CA ASN A 77 -11.72 6.82 -14.64
C ASN A 77 -12.61 5.63 -14.90
N ASN A 78 -12.61 5.11 -16.12
CA ASN A 78 -13.35 3.88 -16.34
C ASN A 78 -12.70 2.74 -15.56
N GLY A 79 -11.38 2.70 -15.62
CA GLY A 79 -10.64 1.72 -14.83
C GLY A 79 -11.00 1.79 -13.35
N VAL A 80 -10.91 3.00 -12.81
CA VAL A 80 -11.30 3.21 -11.42
C VAL A 80 -12.69 2.69 -11.19
N ASP A 81 -13.63 3.19 -11.99
CA ASP A 81 -15.04 2.87 -11.84
C ASP A 81 -15.21 1.38 -11.76
N PHE A 82 -14.30 0.63 -12.36
CA PHE A 82 -14.30 -0.78 -12.09
C PHE A 82 -13.73 -1.10 -10.72
N LEU A 83 -12.58 -0.52 -10.40
CA LEU A 83 -11.85 -1.03 -9.25
C LEU A 83 -12.53 -0.63 -7.94
N PHE A 84 -12.55 0.66 -7.64
CA PHE A 84 -13.18 1.13 -6.42
C PHE A 84 -14.67 1.34 -6.58
N GLY A 85 -15.20 1.06 -7.76
CA GLY A 85 -16.64 1.04 -7.97
C GLY A 85 -17.34 2.36 -7.74
N GLY A 86 -18.61 2.29 -7.37
CA GLY A 86 -19.46 3.46 -7.34
C GLY A 86 -19.09 4.51 -6.32
N LEU A 87 -18.13 4.19 -5.46
CA LEU A 87 -17.70 5.14 -4.44
C LEU A 87 -17.24 6.46 -5.03
N VAL A 88 -16.80 6.42 -6.27
CA VAL A 88 -16.47 7.63 -7.00
C VAL A 88 -17.58 8.05 -7.94
N SER A 89 -18.70 7.34 -7.95
CA SER A 89 -19.72 7.65 -8.94
C SER A 89 -20.37 8.99 -8.62
N GLU A 90 -21.26 9.45 -9.49
CA GLU A 90 -21.83 10.77 -9.35
C GLU A 90 -22.64 10.88 -8.08
N LYS A 91 -23.19 9.75 -7.64
CA LYS A 91 -24.15 9.75 -6.54
C LYS A 91 -23.57 10.36 -5.28
N MET A 92 -22.25 10.27 -5.13
CA MET A 92 -21.59 10.84 -3.97
C MET A 92 -21.94 12.32 -3.83
N PHE A 93 -21.90 13.04 -4.94
CA PHE A 93 -22.24 14.44 -4.94
C PHE A 93 -23.66 14.70 -4.46
N GLU A 94 -24.60 13.88 -4.89
CA GLU A 94 -25.99 14.03 -4.48
C GLU A 94 -26.13 13.69 -3.00
N VAL A 95 -25.08 13.09 -2.44
CA VAL A 95 -25.09 12.70 -1.04
C VAL A 95 -24.03 13.42 -0.24
N PHE A 96 -22.77 13.11 -0.51
CA PHE A 96 -21.67 13.68 0.27
C PHE A 96 -21.22 15.05 -0.20
N GLY A 97 -21.87 15.54 -1.25
CA GLY A 97 -21.63 16.91 -1.70
C GLY A 97 -20.18 17.25 -1.92
N GLY A 98 -19.83 18.50 -1.65
CA GLY A 98 -18.50 19.02 -1.92
C GLY A 98 -17.39 18.26 -1.22
N GLY A 99 -17.76 17.42 -0.27
CA GLY A 99 -16.79 16.60 0.42
C GLY A 99 -16.79 15.21 -0.16
N GLY A 100 -17.64 15.00 -1.16
CA GLY A 100 -17.77 13.70 -1.76
C GLY A 100 -16.64 13.38 -2.70
N PHE A 101 -15.77 14.34 -2.93
CA PHE A 101 -14.71 14.18 -3.90
C PHE A 101 -13.54 13.60 -3.15
N VAL A 102 -13.24 12.34 -3.40
CA VAL A 102 -12.32 11.62 -2.53
C VAL A 102 -10.94 11.52 -3.15
N PHE A 103 -10.01 12.27 -2.58
CA PHE A 103 -8.70 12.43 -3.16
C PHE A 103 -7.93 11.12 -3.24
N ALA A 104 -8.22 10.21 -2.34
CA ALA A 104 -7.56 8.92 -2.39
C ALA A 104 -8.22 8.08 -3.46
N LEU A 105 -9.52 8.27 -3.63
CA LEU A 105 -10.26 7.57 -4.66
C LEU A 105 -10.19 8.25 -6.01
N ARG A 106 -10.31 9.56 -6.04
CA ARG A 106 -10.35 10.27 -7.31
C ARG A 106 -9.03 10.32 -8.04
N VAL A 107 -7.95 10.57 -7.31
CA VAL A 107 -6.69 10.91 -7.95
C VAL A 107 -5.70 9.75 -8.08
N LEU A 108 -5.16 9.31 -6.96
CA LEU A 108 -4.01 8.41 -6.94
C LEU A 108 -4.05 7.26 -7.97
N PRO A 109 -5.23 6.64 -8.15
CA PRO A 109 -5.27 5.66 -9.23
C PRO A 109 -4.76 6.21 -10.54
N MET A 110 -5.13 7.42 -10.92
CA MET A 110 -4.63 7.98 -12.17
C MET A 110 -3.13 7.99 -12.19
N ILE A 111 -2.52 8.22 -11.03
CA ILE A 111 -1.08 8.10 -10.94
C ILE A 111 -0.67 6.70 -11.35
N VAL A 112 -1.31 5.71 -10.77
CA VAL A 112 -0.97 4.33 -11.12
C VAL A 112 -1.10 4.10 -12.62
N PHE A 113 -2.27 4.41 -13.16
CA PHE A 113 -2.53 4.21 -14.56
C PHE A 113 -1.51 4.85 -15.48
N PHE A 114 -1.26 6.14 -15.31
CA PHE A 114 -0.22 6.76 -16.12
C PHE A 114 1.13 6.10 -15.93
N SER A 115 1.41 5.56 -14.76
CA SER A 115 2.66 4.87 -14.58
C SER A 115 2.73 3.66 -15.50
N SER A 116 1.66 2.87 -15.52
CA SER A 116 1.64 1.71 -16.42
C SER A 116 1.75 2.15 -17.87
N LEU A 117 1.02 3.20 -18.22
CA LEU A 117 1.05 3.73 -19.57
C LEU A 117 2.48 4.03 -20.00
N MET A 118 3.17 4.83 -19.21
CA MET A 118 4.54 5.22 -19.55
C MET A 118 5.45 4.00 -19.56
N ALA A 119 5.09 2.95 -18.84
CA ALA A 119 5.85 1.71 -18.97
C ALA A 119 5.68 1.17 -20.38
N VAL A 120 4.44 1.10 -20.85
CA VAL A 120 4.19 0.63 -22.21
C VAL A 120 4.91 1.51 -23.21
N LEU A 121 4.96 2.81 -22.93
CA LEU A 121 5.52 3.72 -23.89
C LEU A 121 7.05 3.78 -23.86
N TYR A 122 7.67 3.29 -22.79
CA TYR A 122 9.08 2.93 -22.91
C TYR A 122 9.25 1.64 -23.68
N TYR A 123 8.42 0.64 -23.40
CA TYR A 123 8.64 -0.68 -23.98
C TYR A 123 8.46 -0.70 -25.49
N ILE A 124 7.31 -0.23 -25.96
CA ILE A 124 7.06 -0.18 -27.39
C ILE A 124 8.08 0.72 -28.07
N GLY A 125 8.52 1.74 -27.34
CA GLY A 125 9.59 2.59 -27.85
C GLY A 125 9.20 3.99 -28.27
N VAL A 126 7.95 4.37 -28.11
CA VAL A 126 7.53 5.69 -28.48
C VAL A 126 8.30 6.77 -27.73
N MET A 127 8.32 6.62 -26.41
CA MET A 127 9.05 7.55 -25.57
C MET A 127 10.51 7.65 -25.96
N GLN A 128 11.22 6.53 -26.04
CA GLN A 128 12.63 6.55 -26.44
C GLN A 128 12.84 7.36 -27.69
N LEU A 129 11.92 7.23 -28.64
CA LEU A 129 12.08 7.88 -29.92
C LEU A 129 11.89 9.39 -29.79
N LEU A 130 10.77 9.79 -29.19
CA LEU A 130 10.50 11.21 -28.99
C LEU A 130 11.62 11.88 -28.22
N ILE A 131 12.05 11.21 -27.16
CA ILE A 131 13.17 11.65 -26.36
C ILE A 131 14.37 11.89 -27.24
N LYS A 132 14.77 10.87 -27.99
CA LYS A 132 15.97 10.97 -28.80
C LYS A 132 15.87 12.14 -29.77
N VAL A 133 14.65 12.41 -30.23
CA VAL A 133 14.42 13.58 -31.07
C VAL A 133 14.71 14.88 -30.35
N ILE A 134 14.03 15.10 -29.22
CA ILE A 134 14.18 16.35 -28.51
C ILE A 134 15.61 16.57 -28.04
N GLY A 135 16.16 15.54 -27.42
CA GLY A 135 17.55 15.56 -27.00
C GLY A 135 18.45 15.90 -28.16
N GLY A 136 18.19 15.30 -29.31
CA GLY A 136 18.96 15.64 -30.50
C GLY A 136 18.87 17.12 -30.80
N PHE A 137 17.65 17.63 -30.75
CA PHE A 137 17.41 19.04 -31.03
C PHE A 137 18.25 19.93 -30.14
N LEU A 138 18.09 19.77 -28.84
CA LEU A 138 18.78 20.62 -27.92
C LEU A 138 20.29 20.47 -28.01
N GLN A 139 20.77 19.25 -28.23
CA GLN A 139 22.22 19.08 -28.26
C GLN A 139 22.80 19.70 -29.52
N LYS A 140 22.03 19.70 -30.60
CA LYS A 140 22.55 20.26 -31.85
C LYS A 140 22.52 21.76 -31.80
N MET A 141 21.46 22.34 -31.25
CA MET A 141 21.29 23.79 -31.34
C MET A 141 22.18 24.53 -30.36
N LEU A 142 21.89 24.42 -29.07
CA LEU A 142 22.70 25.08 -28.07
C LEU A 142 23.82 24.16 -27.59
N GLY A 143 24.49 24.54 -26.52
CA GLY A 143 25.74 23.91 -26.13
C GLY A 143 25.75 22.84 -25.04
N THR A 144 24.61 22.20 -24.78
CA THR A 144 24.59 21.11 -23.81
C THR A 144 25.22 19.83 -24.34
N SER A 145 25.65 18.97 -23.42
CA SER A 145 26.14 17.66 -23.79
C SER A 145 25.00 16.74 -24.17
N LYS A 146 25.31 15.65 -24.85
CA LYS A 146 24.31 14.66 -25.24
C LYS A 146 23.46 14.21 -24.06
N ALA A 147 24.12 13.75 -23.01
CA ALA A 147 23.45 13.13 -21.88
C ALA A 147 22.45 14.06 -21.22
N GLU A 148 22.93 15.20 -20.75
CA GLU A 148 22.08 16.14 -20.06
C GLU A 148 20.89 16.52 -20.94
N SER A 149 21.12 16.62 -22.24
CA SER A 149 20.03 16.95 -23.15
C SER A 149 18.98 15.87 -23.13
N MET A 150 19.39 14.62 -23.36
CA MET A 150 18.44 13.52 -23.32
C MET A 150 17.68 13.47 -22.01
N SER A 151 18.37 13.75 -20.92
CA SER A 151 17.70 13.77 -19.63
C SER A 151 16.62 14.82 -19.62
N ALA A 152 17.00 16.07 -19.88
CA ALA A 152 16.05 17.16 -19.87
C ALA A 152 14.89 16.89 -20.82
N ALA A 153 15.14 16.10 -21.84
CA ALA A 153 14.07 15.75 -22.75
C ALA A 153 13.11 14.84 -22.03
N ALA A 154 13.65 13.77 -21.46
CA ALA A 154 12.79 12.75 -20.90
C ALA A 154 12.14 13.16 -19.60
N LEU A 155 12.58 14.27 -19.01
CA LEU A 155 12.00 14.69 -17.75
C LEU A 155 10.69 15.41 -17.94
N ILE A 156 10.35 15.71 -19.18
CA ILE A 156 9.05 16.27 -19.48
C ILE A 156 8.02 15.16 -19.40
N PHE A 157 8.32 14.05 -20.05
CA PHE A 157 7.43 12.91 -20.10
C PHE A 157 7.53 12.01 -18.86
N VAL A 158 8.73 11.85 -18.33
CA VAL A 158 8.92 11.00 -17.14
C VAL A 158 9.85 11.62 -16.11
N GLY A 159 9.36 11.77 -14.87
CA GLY A 159 10.17 12.33 -13.80
C GLY A 159 10.89 11.23 -13.04
N GLN A 160 11.62 11.58 -11.98
CA GLN A 160 12.46 10.59 -11.30
C GLN A 160 11.62 9.58 -10.53
N THR A 161 10.31 9.74 -10.56
CA THR A 161 9.41 8.70 -10.10
C THR A 161 9.82 7.38 -10.73
N GLU A 162 9.65 7.27 -12.04
CA GLU A 162 10.20 6.12 -12.75
C GLU A 162 11.56 6.51 -13.28
N ALA A 163 12.53 5.62 -13.10
CA ALA A 163 13.92 5.91 -13.42
C ALA A 163 14.08 6.33 -14.88
N PRO A 164 14.74 7.47 -15.12
CA PRO A 164 14.96 8.05 -16.43
C PRO A 164 15.77 7.14 -17.34
N LEU A 165 16.84 6.58 -16.79
CA LEU A 165 17.59 5.51 -17.43
C LEU A 165 18.12 5.86 -18.80
N VAL A 166 18.20 7.14 -19.12
CA VAL A 166 18.97 7.57 -20.27
C VAL A 166 20.33 7.99 -19.77
N VAL A 167 20.40 8.18 -18.46
CA VAL A 167 21.58 8.70 -17.81
C VAL A 167 22.42 7.64 -17.12
N ARG A 168 21.96 6.40 -17.17
CA ARG A 168 22.59 5.34 -16.39
C ARG A 168 24.05 5.14 -16.74
N PRO A 169 24.37 5.02 -18.03
CA PRO A 169 25.80 4.89 -18.28
C PRO A 169 26.55 6.18 -18.06
N TYR A 170 25.87 7.31 -18.24
CA TYR A 170 26.54 8.59 -18.23
C TYR A 170 26.85 9.17 -16.85
N ILE A 171 25.93 9.05 -15.90
CA ILE A 171 26.11 9.72 -14.62
C ILE A 171 27.39 9.34 -13.91
N ARG A 172 27.62 8.05 -13.74
CA ARG A 172 28.88 7.61 -13.18
C ARG A 172 29.96 8.24 -14.02
N ARG A 173 30.88 8.93 -13.37
CA ARG A 173 31.91 9.69 -14.06
C ARG A 173 31.29 10.74 -14.99
N MET A 174 30.43 11.59 -14.45
CA MET A 174 29.89 12.70 -15.22
C MET A 174 30.23 14.02 -14.51
N THR A 175 30.30 15.10 -15.28
CA THR A 175 30.83 16.37 -14.79
C THR A 175 29.87 17.17 -13.94
N GLU A 176 30.43 18.01 -13.06
CA GLU A 176 29.65 18.76 -12.10
C GLU A 176 28.49 19.49 -12.71
N SER A 177 28.76 20.30 -13.72
CA SER A 177 27.68 21.07 -14.33
C SER A 177 26.65 20.15 -14.93
N GLU A 178 27.10 19.05 -15.51
CA GLU A 178 26.17 18.09 -16.08
C GLU A 178 25.31 17.49 -14.99
N LEU A 179 25.93 17.07 -13.91
CA LEU A 179 25.17 16.47 -12.82
C LEU A 179 24.15 17.44 -12.29
N PHE A 180 24.57 18.69 -12.15
CA PHE A 180 23.70 19.69 -11.60
C PHE A 180 22.60 19.96 -12.61
N ALA A 181 22.87 19.62 -13.86
CA ALA A 181 21.91 19.85 -14.93
C ALA A 181 20.84 18.77 -14.93
N VAL A 182 21.23 17.55 -14.60
CA VAL A 182 20.24 16.50 -14.40
C VAL A 182 19.40 16.83 -13.18
N MET A 183 20.06 17.14 -12.07
CA MET A 183 19.35 17.43 -10.84
C MET A 183 18.33 18.54 -11.05
N SER A 184 18.82 19.67 -11.51
CA SER A 184 17.95 20.80 -11.75
C SER A 184 16.89 20.45 -12.77
N GLY A 185 17.27 19.62 -13.74
CA GLY A 185 16.33 19.21 -14.75
C GLY A 185 15.13 18.57 -14.09
N GLY A 186 15.40 17.57 -13.27
CA GLY A 186 14.35 16.85 -12.59
C GLY A 186 13.51 17.78 -11.74
N LEU A 187 14.17 18.60 -10.94
CA LEU A 187 13.45 19.48 -10.04
C LEU A 187 12.64 20.51 -10.79
N ALA A 188 12.89 20.66 -12.08
CA ALA A 188 12.16 21.61 -12.88
C ALA A 188 10.82 21.08 -13.36
N SER A 189 10.78 19.80 -13.70
CA SER A 189 9.61 19.27 -14.38
C SER A 189 8.74 18.40 -13.50
N VAL A 190 7.67 17.92 -14.10
CA VAL A 190 6.75 17.02 -13.44
C VAL A 190 6.63 15.71 -14.20
N ALA A 191 6.66 14.61 -13.48
CA ALA A 191 6.47 13.32 -14.09
C ALA A 191 5.05 13.23 -14.62
N GLY A 192 4.81 12.30 -15.53
CA GLY A 192 3.48 12.15 -16.10
C GLY A 192 2.43 11.90 -15.05
N SER A 193 2.67 10.91 -14.21
CA SER A 193 1.67 10.49 -13.24
C SER A 193 1.20 11.64 -12.38
N VAL A 194 2.15 12.28 -11.70
CA VAL A 194 1.80 13.38 -10.83
C VAL A 194 1.10 14.47 -11.62
N LEU A 195 1.37 14.54 -12.93
CA LEU A 195 0.65 15.50 -13.75
C LEU A 195 -0.81 15.13 -13.80
N ALA A 196 -1.10 13.87 -14.03
CA ALA A 196 -2.48 13.43 -14.04
C ALA A 196 -3.14 13.82 -12.75
N GLY A 197 -2.43 13.59 -11.65
CA GLY A 197 -2.97 13.95 -10.35
C GLY A 197 -3.36 15.41 -10.30
N TYR A 198 -2.43 16.24 -10.77
CA TYR A 198 -2.67 17.66 -10.82
C TYR A 198 -3.96 17.90 -11.58
N VAL A 199 -4.17 17.15 -12.66
CA VAL A 199 -5.36 17.36 -13.45
C VAL A 199 -6.63 17.04 -12.66
N GLN A 200 -6.74 15.81 -12.19
CA GLN A 200 -7.95 15.37 -11.51
C GLN A 200 -8.28 16.25 -10.32
N MET A 201 -7.28 16.90 -9.76
CA MET A 201 -7.57 17.85 -8.70
C MET A 201 -8.31 19.08 -9.22
N GLY A 202 -8.40 19.20 -10.54
CA GLY A 202 -9.11 20.30 -11.15
C GLY A 202 -8.22 21.34 -11.82
N VAL A 203 -6.93 21.27 -11.54
CA VAL A 203 -5.95 22.18 -12.14
C VAL A 203 -6.06 22.14 -13.66
N PRO A 204 -5.97 23.31 -14.30
CA PRO A 204 -6.09 23.39 -15.76
C PRO A 204 -5.04 22.56 -16.47
N LEU A 205 -5.48 21.75 -17.42
CA LEU A 205 -4.58 20.86 -18.13
C LEU A 205 -3.59 21.54 -19.08
N PRO A 206 -4.09 22.38 -20.00
CA PRO A 206 -3.17 22.88 -21.04
C PRO A 206 -2.01 23.66 -20.46
N TYR A 207 -2.31 24.46 -19.44
CA TYR A 207 -1.27 25.18 -18.74
C TYR A 207 -0.23 24.21 -18.23
N LEU A 208 -0.66 23.07 -17.71
CA LEU A 208 0.29 22.08 -17.23
C LEU A 208 1.14 21.51 -18.34
N ILE A 209 0.53 21.15 -19.46
CA ILE A 209 1.31 20.67 -20.59
C ILE A 209 2.40 21.67 -20.93
N ALA A 210 1.99 22.92 -21.08
CA ALA A 210 2.93 23.98 -21.37
C ALA A 210 4.01 24.04 -20.31
N ALA A 211 3.66 23.70 -19.08
CA ALA A 211 4.64 23.73 -18.02
C ALA A 211 5.65 22.61 -18.21
N SER A 212 5.17 21.45 -18.62
CA SER A 212 6.06 20.32 -18.79
C SER A 212 7.03 20.61 -19.91
N PHE A 213 6.56 21.24 -20.98
CA PHE A 213 7.46 21.54 -22.08
C PHE A 213 8.40 22.69 -21.77
N MET A 214 7.89 23.74 -21.15
CA MET A 214 8.74 24.89 -20.84
C MET A 214 9.78 24.55 -19.79
N ALA A 215 9.49 23.55 -18.96
CA ALA A 215 10.33 23.28 -17.81
C ALA A 215 11.75 22.90 -18.20
N ALA A 216 11.88 21.99 -19.14
CA ALA A 216 13.18 21.46 -19.50
C ALA A 216 14.18 22.55 -19.94
N PRO A 217 13.85 23.32 -20.98
CA PRO A 217 14.86 24.26 -21.44
C PRO A 217 15.21 25.26 -20.36
N GLY A 218 14.22 25.62 -19.56
CA GLY A 218 14.46 26.51 -18.44
C GLY A 218 15.34 25.83 -17.42
N GLY A 219 15.09 24.55 -17.22
CA GLY A 219 15.92 23.76 -16.36
C GLY A 219 17.35 23.98 -16.77
N LEU A 220 17.62 23.81 -18.06
CA LEU A 220 18.99 23.96 -18.52
C LEU A 220 19.44 25.39 -18.37
N LEU A 221 18.52 26.33 -18.48
CA LEU A 221 18.86 27.73 -18.31
C LEU A 221 19.48 27.96 -16.96
N PHE A 222 18.71 27.80 -15.90
CA PHE A 222 19.24 28.06 -14.58
C PHE A 222 20.34 27.10 -14.19
N ALA A 223 20.34 25.91 -14.77
CA ALA A 223 21.41 24.98 -14.50
C ALA A 223 22.73 25.58 -14.95
N LYS A 224 22.80 25.92 -16.23
CA LYS A 224 24.05 26.42 -16.78
C LYS A 224 24.36 27.82 -16.30
N LEU A 225 23.36 28.53 -15.79
CA LEU A 225 23.66 29.81 -15.16
C LEU A 225 24.34 29.63 -13.83
N LEU A 226 23.73 28.86 -12.94
CA LEU A 226 24.28 28.74 -11.59
C LEU A 226 25.67 28.15 -11.58
N VAL A 227 25.83 26.99 -12.19
CA VAL A 227 27.14 26.39 -12.35
C VAL A 227 27.41 25.98 -13.78
N PRO A 228 28.05 26.87 -14.55
CA PRO A 228 28.29 26.68 -15.97
C PRO A 228 29.16 25.47 -16.23
N GLU A 229 29.44 25.22 -17.50
CA GLU A 229 30.23 24.08 -17.86
C GLU A 229 31.69 24.47 -17.86
N THR A 230 32.42 23.96 -16.87
CA THR A 230 33.82 24.28 -16.72
C THR A 230 34.71 23.17 -17.27
N GLU A 231 34.11 22.07 -17.68
CA GLU A 231 34.85 20.84 -17.86
C GLU A 231 34.57 20.18 -19.19
N ARG A 232 35.11 18.98 -19.36
CA ARG A 232 35.05 18.28 -20.64
C ARG A 232 33.89 17.29 -20.73
N THR A 233 33.00 17.54 -21.69
CA THR A 233 31.89 16.66 -21.97
C THR A 233 32.39 15.34 -22.53
N GLN A 234 31.56 14.31 -22.51
CA GLN A 234 31.92 13.04 -23.12
C GLN A 234 31.14 12.69 -24.38
N ASN A 235 29.83 12.55 -24.23
CA ASN A 235 28.95 12.12 -25.32
C ASN A 235 29.28 10.73 -25.84
N ASP A 236 29.38 10.58 -27.16
CA ASP A 236 29.44 9.27 -27.77
C ASP A 236 30.77 8.56 -27.53
N ALA A 237 31.69 9.26 -26.90
CA ALA A 237 33.04 8.75 -26.70
C ALA A 237 33.07 7.40 -26.00
N GLU A 238 32.77 7.39 -24.71
CA GLU A 238 32.91 6.19 -23.91
C GLU A 238 31.75 6.04 -22.93
N VAL A 239 31.19 4.83 -22.89
CA VAL A 239 30.04 4.58 -22.03
C VAL A 239 30.25 3.36 -21.15
N LEU A 240 30.37 2.20 -21.78
CA LEU A 240 30.43 0.93 -21.06
C LEU A 240 29.18 0.72 -20.21
N ALA A 241 28.02 0.74 -20.86
CA ALA A 241 26.74 0.55 -20.20
C ALA A 241 26.64 -0.82 -19.57
N GLU A 242 25.74 -0.97 -18.62
CA GLU A 242 25.69 -2.19 -17.82
C GLU A 242 24.56 -3.14 -18.15
N ASN A 243 24.94 -4.31 -18.65
CA ASN A 243 24.08 -5.49 -18.68
C ASN A 243 22.71 -5.29 -19.28
N GLU A 244 22.60 -4.41 -20.27
CA GLU A 244 21.31 -4.07 -20.84
C GLU A 244 20.35 -3.71 -19.72
N ASP A 245 20.90 -3.04 -18.71
CA ASP A 245 20.15 -2.63 -17.55
C ASP A 245 19.51 -3.84 -16.88
N GLU A 246 18.28 -3.67 -16.42
CA GLU A 246 17.42 -4.79 -16.07
C GLU A 246 16.05 -4.43 -16.62
N LYS A 247 15.53 -5.26 -17.50
CA LYS A 247 14.45 -4.82 -18.37
C LYS A 247 13.14 -5.51 -18.14
N PRO A 248 12.05 -4.84 -18.52
CA PRO A 248 10.76 -5.52 -18.67
C PRO A 248 10.91 -6.54 -19.76
N THR A 249 10.17 -7.64 -19.70
CA THR A 249 10.32 -8.67 -20.70
C THR A 249 9.54 -8.35 -21.95
N ASN A 250 8.22 -8.47 -21.85
CA ASN A 250 7.33 -8.13 -22.94
C ASN A 250 6.45 -6.96 -22.55
N VAL A 251 5.52 -6.58 -23.43
CA VAL A 251 4.63 -5.46 -23.15
C VAL A 251 3.85 -5.65 -21.85
N ILE A 252 3.43 -6.89 -21.61
CA ILE A 252 2.61 -7.18 -20.45
C ILE A 252 3.35 -6.83 -19.17
N ASP A 253 4.51 -7.44 -18.97
CA ASP A 253 5.25 -7.24 -17.74
C ASP A 253 5.63 -5.78 -17.60
N ALA A 254 5.65 -5.07 -18.72
CA ALA A 254 5.86 -3.65 -18.66
C ALA A 254 4.69 -3.02 -17.97
N ALA A 255 3.50 -3.26 -18.50
CA ALA A 255 2.28 -2.70 -17.93
C ALA A 255 2.23 -3.01 -16.45
N ALA A 256 2.62 -4.21 -16.08
CA ALA A 256 2.65 -4.59 -14.68
C ALA A 256 3.64 -3.78 -13.85
N SER A 257 4.92 -3.83 -14.21
CA SER A 257 5.96 -3.20 -13.40
C SER A 257 5.67 -1.72 -13.23
N GLY A 258 5.24 -1.11 -14.32
CA GLY A 258 4.85 0.28 -14.28
C GLY A 258 3.63 0.48 -13.41
N ALA A 259 2.69 -0.46 -13.45
CA ALA A 259 1.48 -0.30 -12.66
C ALA A 259 1.76 -0.38 -11.18
N VAL A 260 2.38 -1.47 -10.75
CA VAL A 260 2.67 -1.66 -9.36
C VAL A 260 3.57 -0.56 -8.84
N THR A 261 4.57 -0.20 -9.63
CA THR A 261 5.41 0.92 -9.26
C THR A 261 4.54 2.13 -9.03
N GLY A 262 3.61 2.34 -9.94
CA GLY A 262 2.64 3.40 -9.78
C GLY A 262 1.87 3.27 -8.48
N ALA A 263 1.71 2.04 -8.02
CA ALA A 263 0.97 1.83 -6.79
C ALA A 263 1.78 2.29 -5.61
N GLN A 264 3.00 1.78 -5.46
CA GLN A 264 3.73 2.14 -4.25
C GLN A 264 4.05 3.62 -4.29
N ILE A 265 4.07 4.18 -5.49
CA ILE A 265 4.17 5.63 -5.60
C ILE A 265 2.90 6.28 -5.08
N ALA A 266 1.75 5.71 -5.44
CA ALA A 266 0.47 6.26 -5.02
C ALA A 266 0.40 6.30 -3.50
N ILE A 267 0.58 5.14 -2.89
CA ILE A 267 0.60 5.04 -1.45
C ILE A 267 1.57 6.04 -0.86
N ALA A 268 2.74 6.15 -1.47
CA ALA A 268 3.74 7.09 -1.02
C ALA A 268 3.16 8.49 -0.95
N VAL A 269 2.59 8.94 -2.05
CA VAL A 269 2.07 10.29 -2.11
C VAL A 269 0.96 10.49 -1.11
N GLY A 270 0.04 9.53 -1.04
CA GLY A 270 -1.10 9.65 -0.15
C GLY A 270 -0.65 9.85 1.26
N ALA A 271 0.17 8.92 1.75
CA ALA A 271 0.65 8.99 3.11
C ALA A 271 1.36 10.31 3.33
N SER A 272 2.23 10.67 2.39
CA SER A 272 3.00 11.89 2.52
C SER A 272 2.08 13.07 2.70
N LEU A 273 1.02 13.15 1.93
CA LEU A 273 0.13 14.30 2.02
C LEU A 273 -0.65 14.30 3.30
N LEU A 274 -1.03 13.12 3.76
CA LEU A 274 -1.72 13.05 5.03
C LEU A 274 -0.83 13.72 6.04
N ALA A 275 0.39 13.21 6.12
CA ALA A 275 1.35 13.74 7.06
C ALA A 275 1.47 15.23 6.95
N PHE A 276 1.77 15.69 5.75
CA PHE A 276 2.07 17.11 5.57
C PHE A 276 0.90 18.00 5.94
N VAL A 277 -0.29 17.68 5.46
CA VAL A 277 -1.44 18.50 5.76
C VAL A 277 -1.64 18.57 7.26
N ALA A 278 -1.61 17.42 7.90
CA ALA A 278 -1.86 17.43 9.33
C ALA A 278 -0.81 18.25 10.05
N LEU A 279 0.46 17.99 9.76
CA LEU A 279 1.54 18.74 10.40
C LEU A 279 1.37 20.23 10.25
N ILE A 280 1.11 20.67 9.03
CA ILE A 280 0.91 22.08 8.79
C ILE A 280 -0.23 22.59 9.66
N ALA A 281 -1.27 21.79 9.83
CA ALA A 281 -2.35 22.22 10.71
C ALA A 281 -1.84 22.39 12.14
N MET A 282 -0.96 21.49 12.55
CA MET A 282 -0.39 21.51 13.90
C MET A 282 0.44 22.77 14.14
N ILE A 283 1.36 23.03 13.23
CA ILE A 283 2.19 24.22 13.30
C ILE A 283 1.29 25.43 13.33
N ASN A 284 0.25 25.42 12.50
CA ASN A 284 -0.75 26.46 12.52
C ASN A 284 -1.38 26.61 13.89
N GLY A 285 -1.45 25.51 14.63
CA GLY A 285 -1.88 25.58 16.00
C GLY A 285 -0.89 26.39 16.82
N ILE A 286 0.37 25.98 16.80
CA ILE A 286 1.37 26.64 17.62
C ILE A 286 1.50 28.14 17.33
N ILE A 287 1.79 28.46 16.08
CA ILE A 287 1.91 29.85 15.67
C ILE A 287 0.60 30.58 15.93
N GLY A 288 -0.52 29.88 15.81
CA GLY A 288 -1.81 30.45 16.14
C GLY A 288 -1.84 30.96 17.57
N GLY A 289 -1.40 30.11 18.50
CA GLY A 289 -1.36 30.48 19.89
C GLY A 289 -0.39 31.59 20.22
N VAL A 290 0.87 31.40 19.86
CA VAL A 290 1.90 32.40 20.13
C VAL A 290 1.48 33.75 19.57
N GLY A 291 1.02 33.73 18.33
CA GLY A 291 0.52 34.93 17.68
C GLY A 291 -0.64 35.49 18.47
N GLY A 292 -1.43 34.60 19.07
CA GLY A 292 -2.51 35.03 19.93
C GLY A 292 -1.98 35.76 21.15
N TRP A 293 -0.76 35.45 21.56
CA TRP A 293 -0.16 36.16 22.68
C TRP A 293 0.31 37.53 22.23
N PHE A 294 0.98 37.60 21.08
CA PHE A 294 1.33 38.93 20.54
C PHE A 294 0.11 39.74 20.11
N GLY A 295 -1.06 39.11 20.10
CA GLY A 295 -2.28 39.82 19.74
C GLY A 295 -2.85 39.47 18.38
N HIS A 296 -2.23 38.54 17.67
CA HIS A 296 -2.83 38.03 16.44
C HIS A 296 -3.45 36.68 16.67
N GLY A 297 -4.78 36.65 16.72
CA GLY A 297 -5.49 35.41 16.95
C GLY A 297 -5.38 34.54 15.74
N ASP A 298 -5.38 35.17 14.58
CA ASP A 298 -5.34 34.42 13.34
C ASP A 298 -4.00 34.59 12.66
N LEU A 299 -3.19 33.55 12.71
CA LEU A 299 -1.93 33.57 12.01
C LEU A 299 -1.56 32.14 11.66
N THR A 300 -1.00 31.93 10.48
CA THR A 300 -0.72 30.59 9.98
C THR A 300 0.59 30.52 9.24
N LEU A 301 1.04 29.31 8.93
CA LEU A 301 2.26 29.15 8.16
C LEU A 301 2.10 29.85 6.83
N GLN A 302 0.90 29.74 6.27
CA GLN A 302 0.59 30.31 4.98
C GLN A 302 0.85 31.80 4.92
N ALA A 303 0.16 32.55 5.77
CA ALA A 303 0.21 33.99 5.70
C ALA A 303 1.63 34.47 5.95
N ILE A 304 2.34 33.76 6.82
CA ILE A 304 3.72 34.12 7.07
C ILE A 304 4.50 34.00 5.80
N LEU A 305 4.32 32.88 5.09
CA LEU A 305 5.04 32.68 3.85
C LEU A 305 4.70 33.75 2.82
N GLY A 306 3.42 34.05 2.68
CA GLY A 306 2.98 35.04 1.72
C GLY A 306 3.63 36.37 2.03
N TRP A 307 3.68 36.68 3.31
CA TRP A 307 4.32 37.88 3.78
C TRP A 307 5.81 37.84 3.43
N LEU A 308 6.35 36.63 3.37
CA LEU A 308 7.76 36.45 3.05
C LEU A 308 8.07 36.46 1.56
N PHE A 309 7.24 35.81 0.76
CA PHE A 309 7.49 35.70 -0.69
C PHE A 309 6.80 36.74 -1.56
N SER A 310 6.11 37.69 -0.94
CA SER A 310 5.40 38.72 -1.67
C SER A 310 6.20 39.41 -2.79
N PRO A 311 7.47 39.77 -2.54
CA PRO A 311 8.20 40.42 -3.63
C PRO A 311 8.29 39.55 -4.86
N LEU A 312 8.64 38.29 -4.65
CA LEU A 312 8.74 37.33 -5.74
C LEU A 312 7.41 37.25 -6.46
N ALA A 313 6.35 37.58 -5.76
CA ALA A 313 5.04 37.59 -6.36
C ALA A 313 4.90 38.79 -7.27
N TRP A 314 5.27 39.96 -6.80
CA TRP A 314 5.05 41.14 -7.60
C TRP A 314 5.95 41.14 -8.81
N VAL A 315 7.12 40.54 -8.66
CA VAL A 315 8.11 40.53 -9.73
C VAL A 315 7.63 39.77 -10.94
N ILE A 316 7.13 38.56 -10.72
CA ILE A 316 6.82 37.63 -11.80
C ILE A 316 5.61 38.07 -12.63
N GLY A 317 5.02 39.20 -12.26
CA GLY A 317 3.92 39.74 -13.05
C GLY A 317 2.59 39.62 -12.38
N VAL A 318 2.58 39.11 -11.16
CA VAL A 318 1.36 39.08 -10.37
C VAL A 318 1.10 40.43 -9.76
N PRO A 319 -0.10 40.96 -9.97
CA PRO A 319 -0.53 42.23 -9.37
C PRO A 319 -0.51 42.16 -7.84
N TRP A 320 -0.36 43.30 -7.19
CA TRP A 320 -0.16 43.30 -5.74
C TRP A 320 -1.31 42.71 -4.95
N SER A 321 -2.52 43.06 -5.31
CA SER A 321 -3.70 42.64 -4.56
C SER A 321 -3.67 41.14 -4.31
N GLU A 322 -3.22 40.41 -5.31
CA GLU A 322 -3.23 38.96 -5.27
C GLU A 322 -1.86 38.41 -4.85
N ALA A 323 -0.92 39.32 -4.58
CA ALA A 323 0.44 38.92 -4.29
C ALA A 323 0.53 38.16 -2.97
N GLY A 324 -0.37 38.44 -2.05
CA GLY A 324 -0.37 37.74 -0.79
C GLY A 324 -0.60 36.27 -1.05
N ILE A 325 -1.64 35.98 -1.84
CA ILE A 325 -2.03 34.61 -2.11
C ILE A 325 -0.98 33.90 -2.93
N ALA A 326 -0.53 34.53 -4.00
CA ALA A 326 0.52 33.93 -4.82
C ALA A 326 1.74 33.63 -3.98
N GLY A 327 2.01 34.53 -3.05
CA GLY A 327 3.14 34.35 -2.15
C GLY A 327 2.97 33.11 -1.30
N SER A 328 1.82 32.99 -0.66
CA SER A 328 1.57 31.83 0.19
C SER A 328 1.73 30.56 -0.59
N LEU A 329 1.14 30.53 -1.78
CA LEU A 329 1.19 29.33 -2.60
C LEU A 329 2.59 28.94 -2.99
N ILE A 330 3.30 29.83 -3.69
CA ILE A 330 4.63 29.50 -4.15
C ILE A 330 5.50 29.12 -2.97
N GLY A 331 5.29 29.82 -1.87
CA GLY A 331 5.96 29.48 -0.63
C GLY A 331 5.75 28.02 -0.32
N GLN A 332 4.49 27.59 -0.29
CA GLN A 332 4.21 26.20 0.01
C GLN A 332 4.80 25.27 -1.03
N LYS A 333 5.01 25.77 -2.23
CA LYS A 333 5.71 24.97 -3.22
C LYS A 333 7.12 24.69 -2.76
N VAL A 334 7.80 25.74 -2.31
CA VAL A 334 9.21 25.59 -1.98
C VAL A 334 9.47 24.90 -0.65
N VAL A 335 8.76 25.31 0.40
CA VAL A 335 9.04 24.78 1.73
C VAL A 335 8.32 23.48 2.10
N ILE A 336 7.30 23.11 1.35
CA ILE A 336 6.61 21.85 1.66
C ILE A 336 6.63 20.88 0.49
N ASN A 337 5.75 21.13 -0.48
CA ASN A 337 5.79 20.43 -1.76
C ASN A 337 4.81 21.08 -2.73
N GLU A 338 4.65 20.50 -3.91
CA GLU A 338 3.74 21.09 -4.88
C GLU A 338 2.29 20.67 -4.61
N PHE A 339 2.08 19.42 -4.23
CA PHE A 339 0.72 18.94 -4.04
C PHE A 339 -0.08 19.76 -3.06
N VAL A 340 0.43 19.90 -1.84
CA VAL A 340 -0.24 20.70 -0.82
C VAL A 340 -0.64 22.05 -1.38
N ALA A 341 0.31 22.67 -2.07
CA ALA A 341 0.09 23.95 -2.66
C ALA A 341 -1.14 23.92 -3.55
N TYR A 342 -1.16 23.00 -4.51
CA TYR A 342 -2.33 22.87 -5.36
C TYR A 342 -3.60 22.65 -4.56
N SER A 343 -3.49 21.91 -3.47
CA SER A 343 -4.65 21.59 -2.68
C SER A 343 -5.26 22.86 -2.17
N GLU A 344 -4.44 23.79 -1.70
CA GLU A 344 -5.03 25.06 -1.28
C GLU A 344 -5.40 25.89 -2.51
N PHE A 345 -4.79 25.58 -3.65
CA PHE A 345 -5.01 26.39 -4.84
C PHE A 345 -6.38 26.21 -5.44
N VAL A 346 -6.75 24.97 -5.75
CA VAL A 346 -7.95 24.69 -6.53
C VAL A 346 -9.19 25.31 -5.91
N LYS A 347 -9.16 25.53 -4.61
CA LYS A 347 -10.28 26.09 -3.91
C LYS A 347 -10.51 27.53 -4.36
N TYR A 348 -9.55 28.08 -5.10
CA TYR A 348 -9.73 29.39 -5.70
C TYR A 348 -10.21 29.32 -7.13
N LEU A 349 -10.37 28.11 -7.66
CA LEU A 349 -10.81 27.96 -9.04
C LEU A 349 -12.29 27.74 -9.26
N LYS A 350 -13.08 27.68 -8.20
CA LYS A 350 -14.50 27.50 -8.40
C LYS A 350 -15.27 28.71 -7.91
N PRO A 351 -16.32 29.07 -8.65
CA PRO A 351 -17.09 30.29 -8.41
C PRO A 351 -17.76 30.28 -7.05
N GLU A 352 -17.99 29.08 -6.51
CA GLU A 352 -18.62 28.97 -5.20
C GLU A 352 -17.70 29.57 -4.14
N ALA A 353 -16.42 29.66 -4.47
CA ALA A 353 -15.46 30.24 -3.55
C ALA A 353 -15.48 31.75 -3.63
N ALA A 354 -15.28 32.39 -2.48
CA ALA A 354 -15.32 33.83 -2.39
C ALA A 354 -14.29 34.48 -3.31
N VAL A 355 -13.02 34.31 -2.98
CA VAL A 355 -11.94 35.00 -3.67
C VAL A 355 -11.89 34.68 -5.16
N GLN A 356 -11.89 35.71 -5.98
CA GLN A 356 -11.69 35.53 -7.41
C GLN A 356 -10.29 35.96 -7.79
N LEU A 357 -9.71 35.28 -8.75
CA LEU A 357 -8.35 35.59 -9.19
C LEU A 357 -8.34 35.90 -10.68
N SER A 358 -7.63 36.96 -11.06
CA SER A 358 -7.53 37.35 -12.45
C SER A 358 -6.99 36.21 -13.28
N ASP A 359 -7.53 36.06 -14.49
CA ASP A 359 -7.16 34.97 -15.38
C ASP A 359 -5.65 34.86 -15.53
N THR A 360 -5.01 36.00 -15.73
CA THR A 360 -3.56 36.04 -15.84
C THR A 360 -2.90 35.49 -14.58
N THR A 361 -3.46 35.82 -13.43
CA THR A 361 -2.87 35.37 -12.18
C THR A 361 -3.03 33.87 -12.07
N LYS A 362 -4.23 33.41 -12.37
CA LYS A 362 -4.53 31.98 -12.36
C LYS A 362 -3.50 31.24 -13.18
N ALA A 363 -3.31 31.71 -14.41
CA ALA A 363 -2.31 31.13 -15.29
C ALA A 363 -0.96 31.07 -14.59
N ILE A 364 -0.44 32.24 -14.26
CA ILE A 364 0.90 32.36 -13.71
C ILE A 364 1.16 31.43 -12.55
N ILE A 365 0.30 31.48 -11.55
CA ILE A 365 0.44 30.61 -10.40
C ILE A 365 0.38 29.15 -10.83
N SER A 366 -0.54 28.85 -11.74
CA SER A 366 -0.76 27.49 -12.16
C SER A 366 0.48 26.90 -12.79
N PHE A 367 1.24 27.72 -13.50
CA PHE A 367 2.54 27.27 -13.97
C PHE A 367 3.54 27.17 -12.86
N ALA A 368 3.69 28.24 -12.09
CA ALA A 368 4.79 28.35 -11.14
C ALA A 368 4.84 27.20 -10.16
N LEU A 369 3.68 26.63 -9.85
CA LEU A 369 3.64 25.57 -8.88
C LEU A 369 3.93 24.21 -9.51
N CYS A 370 4.20 24.20 -10.80
CA CYS A 370 4.43 22.96 -11.50
C CYS A 370 5.89 22.63 -11.50
N GLY A 371 6.23 21.61 -10.73
CA GLY A 371 7.60 21.14 -10.64
C GLY A 371 7.75 20.42 -9.33
N PHE A 372 8.87 19.73 -9.16
CA PHE A 372 9.12 19.02 -7.92
C PHE A 372 9.94 19.82 -6.95
N ALA A 373 10.26 21.05 -7.31
CA ALA A 373 11.07 21.87 -6.43
C ALA A 373 10.39 21.96 -5.09
N ASN A 374 11.09 21.52 -4.06
CA ASN A 374 10.62 21.58 -2.69
C ASN A 374 11.81 21.27 -1.82
N LEU A 375 11.59 21.12 -0.53
CA LEU A 375 12.73 20.77 0.30
C LEU A 375 12.87 19.26 0.51
N GLY A 376 11.90 18.48 0.06
CA GLY A 376 12.02 17.05 0.20
C GLY A 376 12.68 16.39 -1.00
N SER A 377 12.51 17.01 -2.15
CA SER A 377 12.96 16.37 -3.38
C SER A 377 14.47 16.32 -3.44
N ILE A 378 15.14 17.06 -2.56
CA ILE A 378 16.57 16.88 -2.42
C ILE A 378 16.88 15.49 -1.96
N ALA A 379 16.32 15.11 -0.83
CA ALA A 379 16.59 13.81 -0.25
C ALA A 379 16.12 12.73 -1.19
N VAL A 380 14.98 12.97 -1.83
CA VAL A 380 14.51 12.00 -2.80
C VAL A 380 15.54 11.79 -3.89
N LEU A 381 16.00 12.87 -4.49
CA LEU A 381 17.01 12.76 -5.53
C LEU A 381 18.22 12.03 -5.04
N VAL A 382 18.85 12.52 -3.99
CA VAL A 382 20.06 11.90 -3.49
C VAL A 382 19.86 10.41 -3.31
N GLY A 383 18.78 10.04 -2.65
CA GLY A 383 18.50 8.65 -2.40
C GLY A 383 18.29 7.80 -3.64
N GLY A 384 17.72 8.38 -4.68
CA GLY A 384 17.46 7.61 -5.89
C GLY A 384 18.65 7.60 -6.82
N LEU A 385 19.45 8.64 -6.71
CA LEU A 385 20.57 8.90 -7.61
C LEU A 385 21.80 8.12 -7.18
N SER A 386 22.02 8.07 -5.87
CA SER A 386 23.17 7.36 -5.34
C SER A 386 23.20 5.92 -5.81
N ILE A 387 22.06 5.25 -5.77
CA ILE A 387 21.95 3.86 -6.21
C ILE A 387 22.56 3.66 -7.60
N MET A 388 22.38 4.64 -8.47
CA MET A 388 23.00 4.58 -9.79
C MET A 388 24.48 4.90 -9.71
N ALA A 389 24.83 5.92 -8.92
CA ALA A 389 26.21 6.36 -8.84
C ALA A 389 26.65 6.69 -7.43
N PRO A 390 27.09 5.68 -6.68
CA PRO A 390 27.37 5.82 -5.26
C PRO A 390 28.49 6.80 -4.97
N LYS A 391 29.54 6.79 -5.77
CA LYS A 391 30.68 7.66 -5.48
C LYS A 391 30.28 9.11 -5.60
N ARG A 392 29.22 9.35 -6.35
CA ARG A 392 28.84 10.70 -6.70
C ARG A 392 28.06 11.38 -5.59
N ARG A 393 27.51 10.59 -4.67
CA ARG A 393 26.53 11.08 -3.72
C ARG A 393 26.94 12.36 -3.00
N LYS A 394 28.19 12.42 -2.55
CA LYS A 394 28.67 13.59 -1.82
C LYS A 394 28.46 14.86 -2.63
N ASP A 395 29.03 14.88 -3.82
CA ASP A 395 28.88 16.02 -4.72
C ASP A 395 27.42 16.32 -4.99
N VAL A 396 26.58 15.30 -4.93
CA VAL A 396 25.17 15.51 -5.20
C VAL A 396 24.54 16.31 -4.07
N ALA A 397 24.70 15.81 -2.85
CA ALA A 397 24.08 16.46 -1.71
C ALA A 397 24.61 17.87 -1.56
N ARG A 398 25.86 18.06 -1.94
CA ARG A 398 26.42 19.40 -1.94
C ARG A 398 25.58 20.32 -2.82
N LEU A 399 25.07 19.78 -3.92
CA LEU A 399 24.34 20.59 -4.89
C LEU A 399 22.84 20.62 -4.71
N GLY A 400 22.33 19.87 -3.75
CA GLY A 400 20.90 19.75 -3.59
C GLY A 400 20.20 21.09 -3.47
N ILE A 401 20.69 21.92 -2.58
CA ILE A 401 20.03 23.19 -2.31
C ILE A 401 20.05 24.09 -3.54
N LYS A 402 21.24 24.27 -4.10
CA LYS A 402 21.39 25.08 -5.29
C LYS A 402 20.51 24.51 -6.39
N ALA A 403 20.29 23.20 -6.33
CA ALA A 403 19.41 22.57 -7.29
C ALA A 403 17.98 23.04 -7.10
N VAL A 404 17.48 22.96 -5.88
CA VAL A 404 16.10 23.38 -5.63
C VAL A 404 15.90 24.81 -6.06
N VAL A 405 16.87 25.66 -5.72
CA VAL A 405 16.82 27.02 -6.21
C VAL A 405 16.69 27.03 -7.72
N ALA A 406 17.48 26.20 -8.39
CA ALA A 406 17.49 26.21 -9.84
C ALA A 406 16.13 25.88 -10.42
N GLY A 407 15.62 24.69 -10.11
CA GLY A 407 14.34 24.28 -10.64
C GLY A 407 13.27 25.29 -10.32
N SER A 408 13.27 25.77 -9.08
CA SER A 408 12.29 26.73 -8.63
C SER A 408 12.29 27.92 -9.56
N LEU A 409 13.46 28.53 -9.72
CA LEU A 409 13.57 29.70 -10.57
C LEU A 409 13.15 29.39 -12.00
N SER A 410 13.44 28.19 -12.47
CA SER A 410 13.05 27.81 -13.83
C SER A 410 11.55 27.90 -13.99
N ASN A 411 10.85 27.26 -13.07
CA ASN A 411 9.41 27.38 -13.06
C ASN A 411 9.02 28.84 -13.04
N LEU A 412 9.71 29.65 -12.25
CA LEU A 412 9.34 31.04 -12.13
C LEU A 412 9.41 31.78 -13.46
N MET A 413 10.53 31.65 -14.16
CA MET A 413 10.65 32.17 -15.50
C MET A 413 9.45 31.76 -16.33
N SER A 414 9.19 30.45 -16.35
CA SER A 414 8.05 29.93 -17.12
C SER A 414 6.81 30.74 -16.81
N ALA A 415 6.56 30.92 -15.53
CA ALA A 415 5.37 31.61 -15.08
C ALA A 415 5.34 33.00 -15.65
N VAL A 416 6.45 33.72 -15.53
CA VAL A 416 6.50 35.08 -16.02
C VAL A 416 6.07 35.13 -17.46
N ILE A 417 6.70 34.28 -18.27
CA ILE A 417 6.35 34.16 -19.67
C ILE A 417 4.86 34.00 -19.87
N ALA A 418 4.27 33.10 -19.09
CA ALA A 418 2.85 32.88 -19.19
C ALA A 418 2.09 34.15 -18.90
N GLY A 419 2.57 34.91 -17.92
CA GLY A 419 1.93 36.15 -17.53
C GLY A 419 1.88 37.10 -18.69
N LEU A 420 2.99 37.17 -19.42
CA LEU A 420 3.06 38.03 -20.59
C LEU A 420 2.09 37.59 -21.69
N PHE A 421 2.27 36.37 -22.18
CA PHE A 421 1.54 35.94 -23.38
C PHE A 421 0.05 35.73 -23.13
N THR A 422 -0.31 35.17 -21.99
CA THR A 422 -1.71 35.08 -21.62
C THR A 422 -2.20 36.45 -21.22
N GLY A 423 -1.26 37.34 -20.87
CA GLY A 423 -1.62 38.72 -20.67
C GLY A 423 -2.13 39.28 -21.98
N LEU A 424 -1.61 38.76 -23.09
CA LEU A 424 -2.07 39.20 -24.41
C LEU A 424 -3.29 38.43 -24.91
N SER A 425 -3.10 37.18 -25.31
CA SER A 425 -4.18 36.39 -25.88
C SER A 425 -5.30 36.17 -24.87
N GLY A 426 -4.96 35.57 -23.74
CA GLY A 426 -5.93 35.34 -22.69
C GLY A 426 -6.73 34.07 -22.86
N LEU B 10 -23.41 -35.08 -29.38
CA LEU B 10 -22.69 -35.51 -30.58
C LEU B 10 -21.80 -34.40 -31.10
N HIS B 11 -22.22 -33.16 -30.88
CA HIS B 11 -21.44 -32.00 -31.29
C HIS B 11 -20.34 -31.79 -30.26
N SER B 12 -20.62 -32.23 -29.05
CA SER B 12 -19.68 -32.14 -27.94
C SER B 12 -18.36 -32.81 -28.27
N LEU B 13 -18.40 -34.11 -28.47
CA LEU B 13 -17.21 -34.93 -28.72
C LEU B 13 -16.34 -34.32 -29.81
N LEU B 14 -16.98 -34.02 -30.94
CA LEU B 14 -16.28 -33.38 -32.04
C LEU B 14 -15.62 -32.12 -31.56
N GLY B 15 -16.36 -31.34 -30.77
CA GLY B 15 -15.83 -30.10 -30.24
C GLY B 15 -14.55 -30.33 -29.48
N MET B 16 -14.59 -31.24 -28.52
CA MET B 16 -13.45 -31.59 -27.69
C MET B 16 -12.27 -31.93 -28.57
N ALA B 17 -12.54 -32.76 -29.56
CA ALA B 17 -11.53 -33.14 -30.53
C ALA B 17 -10.92 -31.90 -31.17
N VAL B 18 -11.77 -30.92 -31.47
CA VAL B 18 -11.32 -29.70 -32.14
C VAL B 18 -10.42 -28.88 -31.21
N LEU B 19 -10.79 -28.83 -29.93
CA LEU B 19 -9.98 -28.11 -28.96
C LEU B 19 -8.59 -28.73 -28.88
N ILE B 20 -8.57 -30.02 -28.57
CA ILE B 20 -7.29 -30.72 -28.43
C ILE B 20 -6.48 -30.53 -29.70
N ALA B 21 -7.19 -30.55 -30.82
CA ALA B 21 -6.58 -30.34 -32.11
C ALA B 21 -5.84 -29.02 -32.11
N ILE B 22 -6.56 -27.94 -31.84
CA ILE B 22 -5.97 -26.60 -31.85
C ILE B 22 -4.75 -26.52 -30.95
N ALA B 23 -4.91 -27.02 -29.74
CA ALA B 23 -3.81 -27.03 -28.78
C ALA B 23 -2.58 -27.67 -29.40
N VAL B 24 -2.75 -28.86 -29.96
CA VAL B 24 -1.66 -29.54 -30.65
C VAL B 24 -1.09 -28.66 -31.75
N LEU B 25 -1.98 -28.02 -32.49
CA LEU B 25 -1.61 -27.21 -33.64
C LEU B 25 -0.63 -26.14 -33.23
N LEU B 26 -0.84 -25.60 -32.03
CA LEU B 26 0.06 -24.57 -31.54
C LEU B 26 1.20 -25.14 -30.69
N SER B 27 1.14 -26.42 -30.41
CA SER B 27 2.10 -27.04 -29.50
C SER B 27 3.49 -27.14 -30.11
N THR B 28 4.51 -27.00 -29.26
CA THR B 28 5.88 -27.11 -29.70
C THR B 28 6.21 -28.52 -30.14
N ASP B 29 6.03 -29.46 -29.23
CA ASP B 29 6.47 -30.82 -29.46
C ASP B 29 5.31 -31.74 -29.74
N ARG B 30 5.42 -32.49 -30.83
CA ARG B 30 4.41 -33.49 -31.15
C ARG B 30 4.85 -34.82 -30.59
N LYS B 31 5.98 -34.82 -29.89
CA LYS B 31 6.45 -36.05 -29.25
C LYS B 31 5.39 -36.54 -28.29
N ALA B 32 5.24 -35.83 -27.18
CA ALA B 32 4.25 -36.17 -26.15
C ALA B 32 4.21 -37.65 -25.89
N ILE B 33 5.34 -38.20 -25.42
CA ILE B 33 5.53 -39.64 -25.39
C ILE B 33 4.46 -40.34 -24.57
N ASN B 34 3.78 -39.59 -23.71
CA ASN B 34 2.69 -40.19 -22.97
C ASN B 34 1.37 -39.57 -23.38
N ILE B 35 0.60 -40.33 -24.13
CA ILE B 35 -0.75 -39.93 -24.50
C ILE B 35 -1.71 -40.45 -23.46
N ARG B 36 -1.25 -41.42 -22.68
CA ARG B 36 -2.07 -41.98 -21.62
C ARG B 36 -2.25 -40.92 -20.57
N THR B 37 -1.22 -40.09 -20.39
CA THR B 37 -1.32 -38.98 -19.47
C THR B 37 -2.35 -37.96 -19.88
N VAL B 38 -2.32 -37.53 -21.14
CA VAL B 38 -3.23 -36.49 -21.57
C VAL B 38 -4.68 -36.99 -21.73
N ALA B 39 -4.88 -38.06 -22.48
CA ALA B 39 -6.23 -38.56 -22.69
C ALA B 39 -6.78 -39.04 -21.36
N GLY B 40 -5.89 -39.59 -20.54
CA GLY B 40 -6.27 -40.04 -19.22
C GLY B 40 -6.67 -38.86 -18.36
N ALA B 41 -5.99 -37.74 -18.56
CA ALA B 41 -6.28 -36.54 -17.79
C ALA B 41 -7.68 -36.06 -18.16
N PHE B 42 -7.91 -35.91 -19.44
CA PHE B 42 -9.23 -35.58 -19.96
C PHE B 42 -10.27 -36.48 -19.33
N LEU B 43 -9.94 -37.76 -19.31
CA LEU B 43 -10.79 -38.77 -18.71
C LEU B 43 -11.10 -38.41 -17.28
N ILE B 44 -10.08 -37.98 -16.54
CA ILE B 44 -10.26 -37.63 -15.15
C ILE B 44 -11.18 -36.43 -14.99
N GLN B 45 -10.94 -35.43 -15.83
CA GLN B 45 -11.76 -34.22 -15.82
C GLN B 45 -13.21 -34.55 -15.98
N VAL B 46 -13.54 -35.20 -17.09
CA VAL B 46 -14.94 -35.48 -17.38
C VAL B 46 -15.54 -36.45 -16.37
N ALA B 47 -14.75 -37.44 -15.94
CA ALA B 47 -15.22 -38.43 -14.98
C ALA B 47 -15.64 -37.76 -13.69
N LEU B 48 -14.76 -36.92 -13.14
CA LEU B 48 -15.10 -36.17 -11.95
C LEU B 48 -16.26 -35.24 -12.24
N GLY B 49 -16.34 -34.77 -13.48
CA GLY B 49 -17.43 -33.92 -13.90
C GLY B 49 -18.77 -34.58 -13.62
N ALA B 50 -18.94 -35.80 -14.13
CA ALA B 50 -20.16 -36.53 -13.89
C ALA B 50 -20.26 -36.91 -12.42
N LEU B 51 -19.11 -37.19 -11.83
CA LEU B 51 -19.03 -37.69 -10.46
C LEU B 51 -19.61 -36.70 -9.47
N VAL B 52 -19.47 -35.42 -9.78
CA VAL B 52 -20.08 -34.39 -8.94
C VAL B 52 -21.41 -33.92 -9.51
N LEU B 53 -21.84 -34.52 -10.61
CA LEU B 53 -23.05 -34.04 -11.27
C LEU B 53 -24.13 -35.10 -11.44
N TYR B 54 -23.87 -36.09 -12.29
CA TYR B 54 -24.90 -37.02 -12.72
C TYR B 54 -25.24 -37.94 -11.56
N VAL B 55 -24.26 -38.71 -11.12
CA VAL B 55 -24.41 -39.55 -9.94
C VAL B 55 -24.68 -38.65 -8.72
N PRO B 56 -25.14 -39.24 -7.60
CA PRO B 56 -25.29 -38.40 -6.41
C PRO B 56 -24.02 -37.64 -6.06
N ASP B 60 -24.82 -35.08 -0.59
CA ASP B 60 -23.88 -35.53 0.41
C ASP B 60 -22.55 -34.78 0.32
N MET B 61 -21.64 -35.32 -0.49
CA MET B 61 -20.29 -34.78 -0.61
C MET B 61 -20.24 -33.31 -1.00
N LEU B 62 -20.60 -33.03 -2.25
CA LEU B 62 -20.42 -31.71 -2.84
C LEU B 62 -21.25 -30.64 -2.14
N GLY B 63 -22.47 -30.99 -1.76
CA GLY B 63 -23.34 -30.05 -1.08
C GLY B 63 -22.71 -29.57 0.20
N GLU B 64 -22.37 -30.52 1.06
CA GLU B 64 -21.77 -30.21 2.34
C GLU B 64 -20.46 -29.44 2.19
N ALA B 65 -19.64 -29.84 1.22
CA ALA B 65 -18.37 -29.16 1.01
C ALA B 65 -18.60 -27.72 0.61
N SER B 66 -19.44 -27.54 -0.40
CA SER B 66 -19.73 -26.23 -0.94
C SER B 66 -20.25 -25.30 0.15
N LYS B 67 -21.24 -25.77 0.91
CA LYS B 67 -21.80 -24.91 1.94
C LYS B 67 -20.77 -24.67 3.04
N THR B 68 -19.85 -25.61 3.21
CA THR B 68 -18.77 -25.44 4.18
C THR B 68 -17.93 -24.23 3.81
N ILE B 69 -17.36 -24.23 2.61
CA ILE B 69 -16.52 -23.09 2.23
C ILE B 69 -17.38 -21.85 2.08
N SER B 70 -18.69 -22.03 1.91
CA SER B 70 -19.61 -20.92 1.91
C SER B 70 -19.54 -20.22 3.27
N ASN B 71 -19.69 -21.01 4.32
CA ASN B 71 -19.51 -20.48 5.66
C ASN B 71 -18.14 -19.84 5.83
N VAL B 72 -17.12 -20.43 5.20
CA VAL B 72 -15.80 -19.82 5.25
C VAL B 72 -15.83 -18.40 4.71
N ILE B 73 -16.39 -18.25 3.53
CA ILE B 73 -16.52 -16.93 2.91
C ILE B 73 -17.29 -15.98 3.82
N ALA B 74 -18.28 -16.51 4.51
CA ALA B 74 -18.99 -15.72 5.51
C ALA B 74 -18.04 -15.21 6.59
N TYR B 75 -17.09 -16.06 7.01
CA TYR B 75 -16.07 -15.60 7.94
C TYR B 75 -15.30 -14.44 7.34
N GLY B 76 -15.02 -14.55 6.04
CA GLY B 76 -14.33 -13.50 5.34
C GLY B 76 -15.07 -12.18 5.48
N ASN B 77 -16.34 -12.19 5.10
CA ASN B 77 -17.14 -10.98 5.21
C ASN B 77 -17.31 -10.51 6.63
N ASN B 78 -17.14 -11.39 7.62
CA ASN B 78 -17.15 -10.91 9.00
C ASN B 78 -15.88 -10.13 9.26
N GLY B 79 -14.76 -10.63 8.74
CA GLY B 79 -13.50 -9.93 8.85
C GLY B 79 -13.58 -8.56 8.22
N VAL B 80 -14.05 -8.50 6.98
CA VAL B 80 -14.14 -7.23 6.30
C VAL B 80 -15.13 -6.30 7.01
N ASP B 81 -16.32 -6.82 7.32
CA ASP B 81 -17.33 -6.04 8.04
C ASP B 81 -16.72 -5.44 9.31
N PHE B 82 -15.75 -6.13 9.89
CA PHE B 82 -14.96 -5.55 10.96
C PHE B 82 -14.12 -4.41 10.46
N LEU B 83 -13.30 -4.70 9.47
CA LEU B 83 -12.27 -3.76 9.07
C LEU B 83 -12.85 -2.56 8.36
N PHE B 84 -13.63 -2.80 7.32
CA PHE B 84 -14.17 -1.70 6.54
C PHE B 84 -15.58 -1.30 6.92
N GLY B 85 -16.17 -2.00 7.86
CA GLY B 85 -17.46 -1.62 8.40
C GLY B 85 -18.54 -1.39 7.37
N GLY B 86 -19.27 -0.30 7.54
CA GLY B 86 -20.44 -0.02 6.74
C GLY B 86 -20.26 -0.10 5.24
N LEU B 87 -19.11 0.35 4.75
CA LEU B 87 -18.88 0.47 3.31
C LEU B 87 -19.15 -0.81 2.55
N VAL B 88 -18.94 -1.94 3.20
CA VAL B 88 -19.23 -3.22 2.58
C VAL B 88 -20.58 -3.78 3.01
N SER B 89 -21.33 -3.05 3.82
CA SER B 89 -22.65 -3.51 4.21
C SER B 89 -23.62 -3.36 3.06
N GLU B 90 -24.87 -3.72 3.29
CA GLU B 90 -25.83 -3.86 2.20
C GLU B 90 -26.55 -2.55 1.87
N LYS B 91 -26.30 -1.54 2.70
CA LYS B 91 -26.99 -0.27 2.58
C LYS B 91 -26.55 0.51 1.35
N MET B 92 -25.34 0.19 0.89
CA MET B 92 -24.76 0.82 -0.29
C MET B 92 -25.77 0.81 -1.43
N PHE B 93 -26.44 -0.32 -1.57
CA PHE B 93 -27.37 -0.51 -2.66
C PHE B 93 -28.54 0.44 -2.56
N GLU B 94 -29.16 0.52 -1.38
CA GLU B 94 -30.26 1.45 -1.19
C GLU B 94 -29.77 2.86 -1.48
N VAL B 95 -28.48 3.08 -1.25
CA VAL B 95 -27.90 4.38 -1.60
C VAL B 95 -27.59 4.47 -3.08
N PHE B 96 -26.61 3.71 -3.53
CA PHE B 96 -26.16 3.79 -4.91
C PHE B 96 -27.03 2.96 -5.83
N GLY B 97 -26.84 1.64 -5.75
CA GLY B 97 -27.49 0.71 -6.64
C GLY B 97 -26.55 -0.46 -6.83
N GLY B 98 -26.75 -1.21 -7.91
CA GLY B 98 -25.85 -2.30 -8.24
C GLY B 98 -24.47 -1.78 -8.55
N GLY B 99 -24.37 -0.49 -8.81
CA GLY B 99 -23.09 0.16 -9.01
C GLY B 99 -22.41 0.36 -7.67
N GLY B 100 -23.18 0.20 -6.60
CA GLY B 100 -22.66 0.39 -5.27
C GLY B 100 -21.96 -0.85 -4.76
N PHE B 101 -21.62 -1.74 -5.67
CA PHE B 101 -20.88 -2.92 -5.27
C PHE B 101 -19.41 -2.63 -5.44
N VAL B 102 -18.72 -2.46 -4.33
CA VAL B 102 -17.36 -1.94 -4.37
C VAL B 102 -16.35 -3.05 -4.40
N PHE B 103 -15.70 -3.23 -5.54
CA PHE B 103 -14.88 -4.40 -5.73
C PHE B 103 -13.69 -4.45 -4.81
N ALA B 104 -12.89 -3.39 -4.82
CA ALA B 104 -11.65 -3.36 -4.07
C ALA B 104 -11.82 -3.75 -2.63
N LEU B 105 -12.81 -3.16 -2.00
CA LEU B 105 -13.07 -3.44 -0.60
C LEU B 105 -13.65 -4.84 -0.46
N ARG B 106 -14.54 -5.19 -1.35
CA ARG B 106 -15.31 -6.42 -1.21
C ARG B 106 -14.48 -7.67 -1.45
N VAL B 107 -13.43 -7.57 -2.24
CA VAL B 107 -12.77 -8.78 -2.75
C VAL B 107 -11.33 -9.00 -2.29
N LEU B 108 -10.44 -8.11 -2.67
CA LEU B 108 -9.02 -8.25 -2.35
C LEU B 108 -8.72 -8.67 -0.90
N PRO B 109 -9.41 -8.06 0.08
CA PRO B 109 -9.18 -8.55 1.43
C PRO B 109 -9.39 -10.05 1.54
N MET B 110 -10.26 -10.61 0.71
CA MET B 110 -10.40 -12.06 0.75
C MET B 110 -9.07 -12.67 0.43
N ILE B 111 -8.34 -12.09 -0.52
CA ILE B 111 -7.01 -12.60 -0.82
C ILE B 111 -6.22 -12.61 0.46
N VAL B 112 -6.32 -11.51 1.20
CA VAL B 112 -5.57 -11.47 2.46
C VAL B 112 -5.96 -12.68 3.31
N PHE B 113 -7.25 -12.90 3.42
CA PHE B 113 -7.75 -13.95 4.29
C PHE B 113 -7.27 -15.33 3.87
N PHE B 114 -7.59 -15.75 2.65
CA PHE B 114 -7.19 -17.05 2.16
C PHE B 114 -5.69 -17.24 2.32
N SER B 115 -4.93 -16.16 2.15
CA SER B 115 -3.48 -16.26 2.34
C SER B 115 -3.15 -16.67 3.76
N SER B 116 -3.63 -15.86 4.70
CA SER B 116 -3.44 -16.14 6.11
C SER B 116 -3.84 -17.58 6.42
N LEU B 117 -4.96 -17.96 5.84
CA LEU B 117 -5.54 -19.25 6.08
C LEU B 117 -4.58 -20.32 5.67
N MET B 118 -4.00 -20.19 4.47
CA MET B 118 -2.98 -21.14 4.07
C MET B 118 -1.93 -21.22 5.12
N ALA B 119 -1.25 -20.11 5.38
CA ALA B 119 -0.10 -20.13 6.28
C ALA B 119 -0.43 -20.89 7.55
N VAL B 120 -1.60 -20.61 8.11
CA VAL B 120 -2.06 -21.35 9.28
C VAL B 120 -2.12 -22.84 8.99
N LEU B 121 -2.67 -23.20 7.84
CA LEU B 121 -2.88 -24.61 7.52
C LEU B 121 -1.57 -25.33 7.27
N TYR B 122 -0.57 -24.59 6.80
CA TYR B 122 0.76 -25.10 6.64
C TYR B 122 1.42 -25.34 8.00
N TYR B 123 1.23 -24.41 8.94
CA TYR B 123 1.84 -24.54 10.25
C TYR B 123 1.20 -25.66 11.06
N ILE B 124 -0.10 -25.84 10.92
CA ILE B 124 -0.75 -26.96 11.59
C ILE B 124 -0.46 -28.25 10.84
N GLY B 125 -0.25 -28.12 9.53
CA GLY B 125 0.17 -29.24 8.73
C GLY B 125 -0.86 -29.86 7.80
N VAL B 126 -2.00 -29.22 7.65
CA VAL B 126 -3.07 -29.79 6.83
C VAL B 126 -2.78 -29.74 5.34
N MET B 127 -2.31 -28.60 4.83
CA MET B 127 -2.12 -28.48 3.39
C MET B 127 -1.04 -29.42 2.87
N GLN B 128 -0.01 -29.69 3.68
CA GLN B 128 0.98 -30.68 3.31
C GLN B 128 0.27 -31.98 3.04
N LEU B 129 -0.64 -32.33 3.92
CA LEU B 129 -1.39 -33.56 3.83
C LEU B 129 -2.27 -33.59 2.58
N LEU B 130 -3.17 -32.61 2.46
CA LEU B 130 -4.09 -32.56 1.35
C LEU B 130 -3.38 -32.60 0.02
N ILE B 131 -2.41 -31.71 -0.13
CA ILE B 131 -1.67 -31.63 -1.38
C ILE B 131 -0.87 -32.91 -1.63
N LYS B 132 -0.40 -33.54 -0.56
CA LYS B 132 0.32 -34.81 -0.70
C LYS B 132 -0.61 -35.86 -1.27
N VAL B 133 -1.82 -35.93 -0.73
CA VAL B 133 -2.81 -36.89 -1.17
C VAL B 133 -3.21 -36.69 -2.62
N ILE B 134 -3.73 -35.52 -2.92
CA ILE B 134 -4.24 -35.26 -4.25
C ILE B 134 -3.12 -35.34 -5.28
N GLY B 135 -2.00 -34.70 -4.96
CA GLY B 135 -0.85 -34.71 -5.83
C GLY B 135 -0.41 -36.13 -6.13
N GLY B 136 -0.20 -36.89 -5.06
CA GLY B 136 0.18 -38.27 -5.17
C GLY B 136 -0.76 -39.01 -6.10
N PHE B 137 -2.05 -38.77 -5.93
CA PHE B 137 -3.05 -39.38 -6.80
C PHE B 137 -2.84 -39.08 -8.27
N LEU B 138 -2.85 -37.80 -8.62
CA LEU B 138 -2.74 -37.42 -10.03
C LEU B 138 -1.45 -37.96 -10.64
N GLN B 139 -0.34 -37.71 -9.97
CA GLN B 139 0.95 -38.14 -10.51
C GLN B 139 1.03 -39.65 -10.60
N LYS B 140 0.24 -40.34 -9.77
CA LYS B 140 0.22 -41.80 -9.82
C LYS B 140 -0.54 -42.27 -11.05
N MET B 141 -1.72 -41.70 -11.26
CA MET B 141 -2.57 -42.18 -12.32
C MET B 141 -2.05 -41.79 -13.69
N LEU B 142 -1.77 -40.51 -13.88
CA LEU B 142 -1.35 -40.03 -15.19
C LEU B 142 0.16 -39.95 -15.34
N GLY B 143 0.88 -40.41 -14.32
CA GLY B 143 2.32 -40.64 -14.43
C GLY B 143 3.17 -39.47 -14.84
N THR B 144 3.10 -38.37 -14.10
CA THR B 144 3.95 -37.22 -14.37
C THR B 144 4.66 -36.69 -13.13
N SER B 145 5.33 -35.56 -13.32
CA SER B 145 6.08 -34.92 -12.26
C SER B 145 5.16 -34.52 -11.12
N LYS B 146 5.73 -34.48 -9.91
CA LYS B 146 4.97 -34.24 -8.69
C LYS B 146 4.68 -32.77 -8.42
N ALA B 147 5.59 -31.91 -8.82
CA ALA B 147 5.47 -30.49 -8.53
C ALA B 147 4.15 -29.95 -9.06
N GLU B 148 3.95 -30.15 -10.37
CA GLU B 148 2.74 -29.70 -11.02
C GLU B 148 1.51 -30.20 -10.28
N SER B 149 1.62 -31.42 -9.77
CA SER B 149 0.52 -32.00 -9.01
C SER B 149 0.28 -31.17 -7.76
N MET B 150 1.35 -30.87 -7.05
CA MET B 150 1.25 -30.10 -5.81
C MET B 150 0.53 -28.78 -6.08
N SER B 151 1.10 -28.01 -6.99
CA SER B 151 0.57 -26.71 -7.32
C SER B 151 -0.89 -26.85 -7.68
N ALA B 152 -1.19 -27.85 -8.51
CA ALA B 152 -2.56 -28.09 -8.91
C ALA B 152 -3.45 -28.24 -7.70
N ALA B 153 -2.99 -28.98 -6.72
CA ALA B 153 -3.77 -29.20 -5.52
C ALA B 153 -4.12 -27.87 -4.88
N ALA B 154 -3.10 -27.07 -4.62
CA ALA B 154 -3.35 -25.79 -4.01
C ALA B 154 -4.30 -24.97 -4.89
N LEU B 155 -4.22 -25.18 -6.19
CA LEU B 155 -5.04 -24.46 -7.15
C LEU B 155 -6.48 -24.89 -7.11
N ILE B 156 -6.73 -26.07 -6.56
CA ILE B 156 -8.09 -26.46 -6.23
C ILE B 156 -8.48 -25.73 -4.96
N PHE B 157 -7.58 -25.72 -3.99
CA PHE B 157 -7.90 -25.12 -2.70
C PHE B 157 -7.77 -23.59 -2.65
N VAL B 158 -6.70 -23.05 -3.21
CA VAL B 158 -6.56 -21.61 -3.22
C VAL B 158 -6.29 -21.11 -4.63
N GLY B 159 -6.18 -19.79 -4.79
CA GLY B 159 -6.16 -19.18 -6.09
C GLY B 159 -4.81 -18.98 -6.72
N GLN B 160 -4.76 -18.15 -7.76
CA GLN B 160 -3.54 -17.89 -8.49
C GLN B 160 -2.41 -17.19 -7.74
N THR B 161 -2.75 -16.21 -6.92
CA THR B 161 -1.77 -15.41 -6.22
C THR B 161 -1.13 -16.15 -5.07
N GLU B 162 -1.94 -16.91 -4.36
CA GLU B 162 -1.50 -17.59 -3.17
C GLU B 162 -0.76 -18.89 -3.48
N ALA B 163 -1.07 -19.49 -4.62
CA ALA B 163 -0.50 -20.78 -5.00
C ALA B 163 1.03 -20.85 -4.97
N PRO B 164 1.74 -19.89 -5.60
CA PRO B 164 3.19 -20.05 -5.73
C PRO B 164 3.94 -20.21 -4.42
N LEU B 165 3.30 -19.88 -3.30
CA LEU B 165 3.99 -19.87 -2.02
C LEU B 165 4.51 -21.25 -1.61
N VAL B 166 3.95 -22.30 -2.18
CA VAL B 166 4.45 -23.66 -1.91
C VAL B 166 5.65 -24.08 -2.73
N VAL B 167 5.72 -23.66 -3.99
CA VAL B 167 6.62 -24.29 -4.92
C VAL B 167 8.01 -23.70 -4.93
N ARG B 168 8.25 -22.73 -4.06
CA ARG B 168 9.55 -22.06 -4.02
C ARG B 168 10.73 -23.03 -3.92
N PRO B 169 10.61 -24.16 -3.20
CA PRO B 169 11.81 -24.99 -3.30
C PRO B 169 11.97 -25.64 -4.67
N TYR B 170 10.86 -26.04 -5.28
CA TYR B 170 10.94 -26.83 -6.50
C TYR B 170 11.04 -25.98 -7.75
N ILE B 171 10.80 -24.68 -7.63
CA ILE B 171 10.85 -23.80 -8.80
C ILE B 171 12.20 -23.81 -9.47
N ARG B 172 13.26 -23.65 -8.68
CA ARG B 172 14.61 -23.65 -9.23
C ARG B 172 14.81 -24.94 -10.02
N ARG B 173 15.21 -24.81 -11.28
CA ARG B 173 15.27 -25.94 -12.20
C ARG B 173 13.92 -26.64 -12.25
N MET B 174 12.94 -25.99 -12.86
CA MET B 174 11.61 -26.54 -12.99
C MET B 174 11.45 -27.36 -14.26
N THR B 175 12.56 -27.54 -14.97
CA THR B 175 12.60 -28.27 -16.23
C THR B 175 11.69 -27.66 -17.27
N GLU B 176 11.36 -26.39 -17.09
CA GLU B 176 10.67 -25.60 -18.11
C GLU B 176 9.28 -26.15 -18.43
N SER B 177 8.96 -27.33 -17.93
CA SER B 177 7.69 -27.95 -18.18
C SER B 177 6.79 -27.71 -16.99
N GLU B 178 7.23 -28.25 -15.86
CA GLU B 178 6.54 -28.06 -14.59
C GLU B 178 6.18 -26.60 -14.41
N LEU B 179 7.09 -25.73 -14.83
CA LEU B 179 6.89 -24.31 -14.77
C LEU B 179 5.61 -23.93 -15.49
N PHE B 180 5.53 -24.29 -16.76
CA PHE B 180 4.37 -23.94 -17.58
C PHE B 180 3.11 -24.55 -16.98
N ALA B 181 3.28 -25.73 -16.39
CA ALA B 181 2.17 -26.43 -15.78
C ALA B 181 1.59 -25.63 -14.63
N VAL B 182 2.46 -25.08 -13.80
CA VAL B 182 2.01 -24.27 -12.68
C VAL B 182 1.38 -22.99 -13.21
N MET B 183 1.99 -22.43 -14.24
CA MET B 183 1.46 -21.22 -14.84
C MET B 183 0.01 -21.42 -15.27
N SER B 184 -0.16 -22.25 -16.28
CA SER B 184 -1.48 -22.49 -16.83
C SER B 184 -2.44 -22.96 -15.75
N GLY B 185 -2.02 -23.97 -15.00
CA GLY B 185 -2.84 -24.56 -13.96
C GLY B 185 -3.40 -23.49 -13.06
N GLY B 186 -2.55 -22.56 -12.67
CA GLY B 186 -3.00 -21.43 -11.90
C GLY B 186 -4.04 -20.68 -12.68
N LEU B 187 -3.68 -20.32 -13.91
CA LEU B 187 -4.51 -19.44 -14.73
C LEU B 187 -5.94 -19.91 -14.82
N ALA B 188 -6.13 -21.21 -14.96
CA ALA B 188 -7.47 -21.74 -15.10
C ALA B 188 -8.20 -21.88 -13.78
N SER B 189 -7.45 -22.16 -12.72
CA SER B 189 -8.04 -22.53 -11.43
C SER B 189 -8.91 -21.44 -10.85
N VAL B 190 -9.90 -21.84 -10.07
CA VAL B 190 -10.70 -20.89 -9.31
C VAL B 190 -10.83 -21.28 -7.85
N ALA B 191 -10.20 -20.48 -7.00
CA ALA B 191 -10.37 -20.57 -5.57
C ALA B 191 -9.92 -19.26 -4.98
N GLY B 192 -10.28 -18.99 -3.74
CA GLY B 192 -9.82 -17.76 -3.12
C GLY B 192 -10.46 -16.58 -3.82
N SER B 193 -9.62 -15.72 -4.37
CA SER B 193 -10.07 -14.49 -5.00
C SER B 193 -11.24 -14.68 -5.93
N VAL B 194 -11.00 -15.31 -7.06
CA VAL B 194 -12.02 -15.41 -8.09
C VAL B 194 -13.26 -16.13 -7.58
N LEU B 195 -13.04 -17.10 -6.69
CA LEU B 195 -14.14 -17.87 -6.13
C LEU B 195 -15.02 -17.00 -5.26
N ALA B 196 -14.40 -16.37 -4.27
CA ALA B 196 -15.12 -15.53 -3.35
C ALA B 196 -15.84 -14.43 -4.10
N GLY B 197 -15.09 -13.76 -4.98
CA GLY B 197 -15.63 -12.67 -5.77
C GLY B 197 -16.83 -13.15 -6.53
N TYR B 198 -16.76 -14.38 -7.02
CA TYR B 198 -17.89 -14.98 -7.72
C TYR B 198 -19.09 -15.10 -6.80
N VAL B 199 -18.87 -15.70 -5.64
CA VAL B 199 -19.95 -15.92 -4.67
C VAL B 199 -20.66 -14.61 -4.34
N GLN B 200 -19.87 -13.58 -4.09
CA GLN B 200 -20.41 -12.28 -3.79
C GLN B 200 -21.19 -11.75 -4.99
N MET B 201 -20.67 -11.96 -6.19
CA MET B 201 -21.40 -11.61 -7.40
C MET B 201 -22.75 -12.33 -7.43
N GLY B 202 -22.80 -13.50 -6.81
CA GLY B 202 -24.06 -14.21 -6.66
C GLY B 202 -24.21 -15.46 -7.50
N VAL B 203 -23.33 -15.65 -8.47
CA VAL B 203 -23.31 -16.89 -9.23
C VAL B 203 -23.19 -18.06 -8.27
N PRO B 204 -24.02 -19.10 -8.47
CA PRO B 204 -24.15 -20.19 -7.52
C PRO B 204 -22.82 -20.81 -7.13
N LEU B 205 -22.62 -20.97 -5.83
CA LEU B 205 -21.36 -21.45 -5.30
C LEU B 205 -21.02 -22.90 -5.68
N PRO B 206 -21.91 -23.86 -5.39
CA PRO B 206 -21.48 -25.24 -5.61
C PRO B 206 -21.11 -25.56 -7.06
N TYR B 207 -21.85 -25.01 -8.01
CA TYR B 207 -21.51 -25.13 -9.42
C TYR B 207 -20.07 -24.67 -9.64
N LEU B 208 -19.67 -23.67 -8.87
CA LEU B 208 -18.32 -23.13 -8.97
C LEU B 208 -17.30 -24.01 -8.30
N ILE B 209 -17.70 -24.73 -7.26
CA ILE B 209 -16.78 -25.69 -6.66
C ILE B 209 -16.48 -26.76 -7.68
N ALA B 210 -17.54 -27.25 -8.31
CA ALA B 210 -17.39 -28.23 -9.37
C ALA B 210 -16.46 -27.66 -10.43
N ALA B 211 -16.65 -26.40 -10.77
CA ALA B 211 -15.79 -25.74 -11.74
C ALA B 211 -14.35 -25.72 -11.28
N SER B 212 -14.14 -25.64 -9.97
CA SER B 212 -12.80 -25.62 -9.42
C SER B 212 -12.15 -26.95 -9.65
N PHE B 213 -12.78 -28.03 -9.18
CA PHE B 213 -12.19 -29.35 -9.35
C PHE B 213 -11.98 -29.67 -10.83
N MET B 214 -12.86 -29.13 -11.66
CA MET B 214 -12.84 -29.41 -13.08
C MET B 214 -11.76 -28.60 -13.78
N ALA B 215 -11.36 -27.49 -13.18
CA ALA B 215 -10.40 -26.59 -13.80
C ALA B 215 -8.96 -27.07 -13.66
N ALA B 216 -8.64 -27.66 -12.52
CA ALA B 216 -7.26 -27.98 -12.20
C ALA B 216 -6.61 -28.99 -13.16
N PRO B 217 -7.19 -30.21 -13.29
CA PRO B 217 -6.46 -31.18 -14.11
C PRO B 217 -6.46 -30.83 -15.59
N GLY B 218 -7.41 -30.00 -16.01
CA GLY B 218 -7.46 -29.56 -17.39
C GLY B 218 -6.20 -28.80 -17.72
N GLY B 219 -5.75 -28.01 -16.76
CA GLY B 219 -4.49 -27.30 -16.89
C GLY B 219 -3.40 -28.30 -17.18
N LEU B 220 -3.37 -29.37 -16.40
CA LEU B 220 -2.40 -30.43 -16.59
C LEU B 220 -2.47 -30.94 -18.01
N LEU B 221 -3.68 -31.13 -18.50
CA LEU B 221 -3.89 -31.57 -19.86
C LEU B 221 -3.21 -30.67 -20.87
N PHE B 222 -3.73 -29.45 -21.03
CA PHE B 222 -3.25 -28.59 -22.10
C PHE B 222 -1.77 -28.26 -21.96
N ALA B 223 -1.32 -28.11 -20.72
CA ALA B 223 0.08 -27.88 -20.47
C ALA B 223 0.87 -29.04 -21.02
N LYS B 224 0.46 -30.25 -20.68
CA LYS B 224 1.15 -31.44 -21.16
C LYS B 224 1.08 -31.54 -22.67
N LEU B 225 0.07 -30.89 -23.26
CA LEU B 225 -0.05 -30.87 -24.70
C LEU B 225 1.01 -29.99 -25.31
N LEU B 226 1.15 -28.78 -24.77
CA LEU B 226 2.05 -27.80 -25.33
C LEU B 226 3.53 -28.09 -25.06
N VAL B 227 3.88 -28.30 -23.79
CA VAL B 227 5.29 -28.43 -23.41
C VAL B 227 5.61 -29.59 -22.45
N PRO B 228 5.84 -30.78 -23.00
CA PRO B 228 6.17 -31.97 -22.20
C PRO B 228 7.51 -31.88 -21.50
N GLU B 229 7.88 -32.91 -20.75
CA GLU B 229 9.02 -32.84 -19.85
C GLU B 229 10.13 -33.85 -20.15
N THR B 230 11.34 -33.54 -19.70
CA THR B 230 12.49 -34.42 -19.83
C THR B 230 13.30 -34.58 -18.54
N GLU B 231 13.89 -33.47 -18.09
CA GLU B 231 14.93 -33.48 -17.05
C GLU B 231 14.48 -33.81 -15.63
N ARG B 232 15.46 -34.16 -14.79
CA ARG B 232 15.25 -34.50 -13.39
C ARG B 232 14.59 -33.38 -12.62
N THR B 233 13.83 -33.73 -11.59
CA THR B 233 12.93 -32.81 -10.92
C THR B 233 13.09 -32.77 -9.40
N GLN B 234 12.83 -33.92 -8.79
CA GLN B 234 12.52 -34.06 -7.37
C GLN B 234 13.37 -33.27 -6.39
N ASN B 235 14.65 -33.63 -6.29
CA ASN B 235 15.54 -32.99 -5.31
C ASN B 235 15.75 -31.51 -5.58
N ASP B 236 15.52 -30.68 -4.57
CA ASP B 236 15.63 -29.24 -4.75
C ASP B 236 15.91 -28.50 -3.44
N ALA B 237 16.36 -27.26 -3.57
CA ALA B 237 16.69 -26.42 -2.43
C ALA B 237 17.67 -27.11 -1.50
N GLU B 238 18.88 -27.34 -2.01
CA GLU B 238 19.95 -28.01 -1.25
C GLU B 238 19.50 -29.36 -0.71
N GLU B 246 14.58 -17.64 7.63
CA GLU B 246 13.33 -17.07 8.11
C GLU B 246 12.23 -18.11 8.14
N LYS B 247 11.51 -18.13 9.25
CA LYS B 247 10.48 -19.13 9.50
C LYS B 247 9.30 -18.54 10.26
N PRO B 248 8.09 -19.06 10.02
CA PRO B 248 6.86 -18.60 10.66
C PRO B 248 6.86 -18.73 12.18
N THR B 249 7.81 -19.47 12.73
CA THR B 249 7.92 -19.66 14.17
C THR B 249 6.62 -20.28 14.67
N ASN B 250 5.89 -19.59 15.54
CA ASN B 250 4.66 -20.13 16.10
C ASN B 250 3.49 -20.03 15.13
N VAL B 251 2.29 -20.34 15.61
CA VAL B 251 1.11 -20.31 14.76
C VAL B 251 0.63 -18.89 14.47
N ILE B 252 0.55 -18.06 15.50
CA ILE B 252 0.07 -16.70 15.31
C ILE B 252 0.92 -15.98 14.28
N ASP B 253 2.22 -15.96 14.49
CA ASP B 253 3.10 -15.27 13.56
C ASP B 253 2.92 -15.79 12.15
N ALA B 254 2.61 -17.07 12.04
CA ALA B 254 2.35 -17.63 10.73
C ALA B 254 1.17 -16.89 10.15
N ALA B 255 0.08 -16.84 10.92
CA ALA B 255 -1.12 -16.18 10.45
C ALA B 255 -0.82 -14.75 10.04
N ALA B 256 -0.03 -14.06 10.84
CA ALA B 256 0.29 -12.68 10.58
C ALA B 256 1.07 -12.53 9.28
N SER B 257 2.22 -13.18 9.21
CA SER B 257 3.10 -13.08 8.05
C SER B 257 2.32 -13.39 6.80
N GLY B 258 1.64 -14.51 6.82
CA GLY B 258 0.79 -14.90 5.70
C GLY B 258 -0.15 -13.77 5.34
N ALA B 259 -0.78 -13.19 6.35
CA ALA B 259 -1.73 -12.12 6.11
C ALA B 259 -1.07 -10.97 5.37
N VAL B 260 0.14 -10.64 5.77
CA VAL B 260 0.83 -9.51 5.18
C VAL B 260 1.12 -9.80 3.71
N THR B 261 1.83 -10.90 3.48
CA THR B 261 2.24 -11.27 2.14
C THR B 261 1.04 -11.27 1.20
N GLY B 262 0.02 -12.01 1.59
CA GLY B 262 -1.20 -12.02 0.84
C GLY B 262 -1.74 -10.62 0.59
N ALA B 263 -1.66 -9.78 1.61
CA ALA B 263 -2.22 -8.45 1.51
C ALA B 263 -1.57 -7.65 0.40
N GLN B 264 -0.26 -7.52 0.50
CA GLN B 264 0.44 -6.71 -0.48
C GLN B 264 0.30 -7.32 -1.86
N ILE B 265 0.22 -8.65 -1.92
CA ILE B 265 -0.08 -9.28 -3.18
C ILE B 265 -1.41 -8.76 -3.71
N ALA B 266 -2.39 -8.63 -2.82
CA ALA B 266 -3.70 -8.17 -3.22
C ALA B 266 -3.65 -6.75 -3.77
N ILE B 267 -2.90 -5.89 -3.09
CA ILE B 267 -2.69 -4.54 -3.61
C ILE B 267 -2.19 -4.63 -5.04
N ALA B 268 -1.16 -5.44 -5.23
CA ALA B 268 -0.58 -5.61 -6.55
C ALA B 268 -1.66 -6.00 -7.55
N VAL B 269 -2.44 -7.01 -7.18
CA VAL B 269 -3.48 -7.51 -8.04
C VAL B 269 -4.43 -6.42 -8.47
N GLY B 270 -4.96 -5.69 -7.50
CA GLY B 270 -5.89 -4.63 -7.79
C GLY B 270 -5.28 -3.65 -8.76
N ALA B 271 -4.10 -3.15 -8.41
CA ALA B 271 -3.43 -2.16 -9.22
C ALA B 271 -3.34 -2.63 -10.66
N SER B 272 -2.89 -3.86 -10.81
CA SER B 272 -2.73 -4.44 -12.14
C SER B 272 -4.05 -4.47 -12.88
N LEU B 273 -5.11 -4.86 -12.18
CA LEU B 273 -6.42 -4.95 -12.79
C LEU B 273 -6.87 -3.64 -13.35
N LEU B 274 -6.88 -2.61 -12.51
CA LEU B 274 -7.26 -1.30 -12.97
C LEU B 274 -6.43 -0.94 -14.17
N ALA B 275 -5.15 -1.24 -14.08
CA ALA B 275 -4.23 -0.90 -15.16
C ALA B 275 -4.73 -1.46 -16.46
N PHE B 276 -4.73 -2.79 -16.59
CA PHE B 276 -5.08 -3.40 -17.87
C PHE B 276 -6.46 -3.04 -18.35
N VAL B 277 -7.44 -3.01 -17.44
CA VAL B 277 -8.77 -2.61 -17.85
C VAL B 277 -8.71 -1.26 -18.53
N ALA B 278 -8.04 -0.33 -17.87
CA ALA B 278 -7.93 1.01 -18.39
C ALA B 278 -7.26 1.00 -19.75
N LEU B 279 -6.13 0.32 -19.85
CA LEU B 279 -5.42 0.25 -21.12
C LEU B 279 -6.31 -0.25 -22.25
N ILE B 280 -7.11 -1.27 -21.98
CA ILE B 280 -7.94 -1.80 -23.03
C ILE B 280 -9.01 -0.80 -23.41
N ALA B 281 -9.50 -0.05 -22.42
CA ALA B 281 -10.38 1.06 -22.75
C ALA B 281 -9.67 2.02 -23.70
N MET B 282 -8.40 2.31 -23.41
CA MET B 282 -7.57 3.09 -24.30
C MET B 282 -7.58 2.50 -25.70
N ILE B 283 -7.60 1.17 -25.79
CA ILE B 283 -7.65 0.55 -27.10
C ILE B 283 -8.99 0.79 -27.77
N ASN B 284 -10.09 0.75 -27.00
CA ASN B 284 -11.38 1.16 -27.57
C ASN B 284 -11.26 2.52 -28.21
N GLY B 285 -10.57 3.41 -27.52
CA GLY B 285 -10.33 4.73 -28.05
C GLY B 285 -9.48 4.70 -29.30
N ILE B 286 -8.56 3.75 -29.36
CA ILE B 286 -7.71 3.61 -30.54
C ILE B 286 -8.54 3.19 -31.75
N ILE B 287 -9.35 2.16 -31.57
CA ILE B 287 -10.16 1.62 -32.64
C ILE B 287 -11.16 2.66 -33.12
N GLY B 288 -11.84 3.30 -32.19
CA GLY B 288 -12.76 4.36 -32.54
C GLY B 288 -12.04 5.47 -33.29
N GLY B 289 -10.82 5.74 -32.86
CA GLY B 289 -10.02 6.79 -33.48
C GLY B 289 -9.66 6.49 -34.92
N VAL B 290 -9.05 5.33 -35.14
CA VAL B 290 -8.66 4.92 -36.48
C VAL B 290 -9.88 4.85 -37.36
N GLY B 291 -10.88 4.11 -36.90
CA GLY B 291 -12.11 3.93 -37.65
C GLY B 291 -12.93 5.20 -37.79
N GLY B 292 -12.48 6.26 -37.14
CA GLY B 292 -13.12 7.55 -37.27
C GLY B 292 -13.08 8.06 -38.69
N TRP B 293 -11.88 8.15 -39.27
CA TRP B 293 -11.74 8.63 -40.64
C TRP B 293 -11.89 7.48 -41.63
N PHE B 294 -12.02 6.27 -41.12
CA PHE B 294 -12.28 5.12 -41.96
C PHE B 294 -13.76 5.10 -42.33
N GLY B 295 -14.53 5.91 -41.61
CA GLY B 295 -15.92 6.12 -41.95
C GLY B 295 -16.83 5.03 -41.42
N HIS B 296 -16.26 3.87 -41.11
CA HIS B 296 -17.04 2.83 -40.47
C HIS B 296 -17.47 3.35 -39.10
N GLY B 297 -16.49 3.67 -38.27
CA GLY B 297 -16.74 4.37 -37.02
C GLY B 297 -17.39 3.50 -35.96
N ASP B 298 -17.26 3.94 -34.71
CA ASP B 298 -17.95 3.34 -33.57
C ASP B 298 -17.78 1.82 -33.53
N LEU B 299 -16.66 1.34 -34.04
CA LEU B 299 -16.37 -0.09 -33.96
C LEU B 299 -15.74 -0.35 -32.62
N THR B 300 -16.19 -1.40 -31.96
CA THR B 300 -15.77 -1.64 -30.59
C THR B 300 -14.97 -2.92 -30.49
N LEU B 301 -14.05 -2.97 -29.54
CA LEU B 301 -13.29 -4.19 -29.31
C LEU B 301 -14.24 -5.30 -28.92
N GLN B 302 -15.27 -4.92 -28.19
CA GLN B 302 -16.34 -5.85 -27.85
C GLN B 302 -16.87 -6.53 -29.11
N ALA B 303 -17.01 -5.75 -30.17
CA ALA B 303 -17.52 -6.26 -31.44
C ALA B 303 -16.45 -6.99 -32.23
N ILE B 304 -15.23 -6.47 -32.24
CA ILE B 304 -14.17 -7.09 -33.02
C ILE B 304 -13.88 -8.49 -32.49
N LEU B 305 -13.62 -8.58 -31.20
CA LEU B 305 -13.46 -9.88 -30.57
C LEU B 305 -14.78 -10.61 -30.61
N GLY B 306 -15.85 -9.85 -30.65
CA GLY B 306 -17.19 -10.41 -30.74
C GLY B 306 -17.33 -11.30 -31.96
N TRP B 307 -16.74 -10.88 -33.07
CA TRP B 307 -16.71 -11.71 -34.26
C TRP B 307 -15.45 -12.56 -34.37
N LEU B 308 -14.43 -12.28 -33.56
CA LEU B 308 -13.18 -12.99 -33.69
C LEU B 308 -13.22 -14.36 -33.04
N PHE B 309 -13.73 -14.41 -31.81
CA PHE B 309 -13.84 -15.67 -31.09
C PHE B 309 -15.18 -16.32 -31.35
N SER B 310 -15.98 -15.71 -32.23
CA SER B 310 -17.28 -16.23 -32.57
C SER B 310 -17.24 -17.65 -33.18
N PRO B 311 -16.32 -17.91 -34.12
CA PRO B 311 -16.32 -19.28 -34.67
C PRO B 311 -16.09 -20.33 -33.60
N LEU B 312 -15.11 -20.08 -32.74
CA LEU B 312 -14.78 -21.04 -31.70
C LEU B 312 -15.96 -21.13 -30.76
N ALA B 313 -16.65 -20.01 -30.60
CA ALA B 313 -17.85 -19.98 -29.79
C ALA B 313 -18.90 -20.90 -30.39
N TRP B 314 -18.85 -21.09 -31.70
CA TRP B 314 -19.73 -22.04 -32.34
C TRP B 314 -19.22 -23.46 -32.11
N VAL B 315 -17.90 -23.59 -32.09
CA VAL B 315 -17.27 -24.90 -31.96
C VAL B 315 -17.67 -25.62 -30.68
N ILE B 316 -17.68 -24.88 -29.58
CA ILE B 316 -17.87 -25.48 -28.26
C ILE B 316 -19.25 -26.10 -28.09
N GLY B 317 -20.12 -25.93 -29.08
CA GLY B 317 -21.43 -26.54 -29.07
C GLY B 317 -22.55 -25.54 -28.87
N VAL B 318 -22.20 -24.31 -28.53
CA VAL B 318 -23.19 -23.25 -28.48
C VAL B 318 -23.56 -22.87 -29.88
N PRO B 319 -24.86 -22.88 -30.19
CA PRO B 319 -25.38 -22.58 -31.53
C PRO B 319 -24.94 -21.21 -32.00
N TRP B 320 -24.98 -20.97 -33.31
CA TRP B 320 -24.67 -19.66 -33.85
C TRP B 320 -25.56 -18.60 -33.22
N SER B 321 -26.80 -18.97 -32.95
CA SER B 321 -27.68 -18.14 -32.17
C SER B 321 -27.01 -17.88 -30.83
N GLU B 322 -26.95 -16.60 -30.45
CA GLU B 322 -26.36 -16.19 -29.18
C GLU B 322 -24.85 -16.44 -29.14
N ALA B 323 -24.21 -16.50 -30.30
CA ALA B 323 -22.77 -16.71 -30.33
C ALA B 323 -21.96 -15.44 -30.09
N GLY B 324 -22.33 -14.37 -30.78
CA GLY B 324 -21.61 -13.11 -30.71
C GLY B 324 -21.42 -12.65 -29.29
N ILE B 325 -22.43 -12.94 -28.47
CA ILE B 325 -22.37 -12.70 -27.05
C ILE B 325 -21.10 -13.30 -26.51
N ALA B 326 -20.94 -14.59 -26.76
CA ALA B 326 -19.76 -15.30 -26.28
C ALA B 326 -18.53 -14.73 -26.94
N GLY B 327 -18.72 -14.10 -28.10
CA GLY B 327 -17.61 -13.48 -28.77
C GLY B 327 -17.04 -12.37 -27.91
N SER B 328 -17.90 -11.42 -27.56
CA SER B 328 -17.46 -10.30 -26.74
C SER B 328 -17.03 -10.76 -25.36
N LEU B 329 -17.80 -11.66 -24.76
CA LEU B 329 -17.48 -12.13 -23.41
C LEU B 329 -16.13 -12.84 -23.35
N ILE B 330 -15.96 -13.88 -24.15
CA ILE B 330 -14.71 -14.60 -24.18
C ILE B 330 -13.57 -13.67 -24.53
N GLY B 331 -13.80 -12.82 -25.52
CA GLY B 331 -12.79 -11.86 -25.93
C GLY B 331 -12.30 -11.08 -24.73
N GLN B 332 -13.25 -10.50 -24.00
CA GLN B 332 -12.95 -9.75 -22.80
C GLN B 332 -12.31 -10.62 -21.74
N LYS B 333 -12.55 -11.93 -21.80
CA LYS B 333 -11.93 -12.82 -20.84
C LYS B 333 -10.46 -12.96 -21.18
N VAL B 334 -10.14 -12.99 -22.46
CA VAL B 334 -8.75 -13.11 -22.86
C VAL B 334 -8.01 -11.83 -22.56
N VAL B 335 -8.54 -10.71 -23.03
CA VAL B 335 -7.82 -9.45 -22.87
C VAL B 335 -8.08 -8.81 -21.50
N ILE B 336 -9.34 -8.49 -21.20
CA ILE B 336 -9.65 -7.77 -19.97
C ILE B 336 -9.59 -8.67 -18.75
N ASN B 337 -10.60 -9.52 -18.61
CA ASN B 337 -10.77 -10.44 -17.50
C ASN B 337 -12.10 -11.15 -17.64
N GLU B 338 -12.42 -12.08 -16.75
CA GLU B 338 -13.73 -12.69 -16.81
C GLU B 338 -14.73 -11.91 -15.96
N PHE B 339 -14.24 -10.97 -15.17
CA PHE B 339 -15.14 -10.20 -14.33
C PHE B 339 -15.99 -9.28 -15.18
N VAL B 340 -15.37 -8.33 -15.85
CA VAL B 340 -16.09 -7.39 -16.68
C VAL B 340 -16.97 -8.15 -17.64
N ALA B 341 -16.44 -9.26 -18.12
CA ALA B 341 -17.19 -10.13 -19.01
C ALA B 341 -18.40 -10.72 -18.31
N TYR B 342 -18.28 -10.94 -17.01
CA TYR B 342 -19.39 -11.51 -16.26
C TYR B 342 -20.44 -10.42 -16.06
N SER B 343 -19.99 -9.19 -15.92
CA SER B 343 -20.90 -8.07 -15.76
C SER B 343 -21.72 -7.91 -17.02
N GLU B 344 -21.04 -7.86 -18.16
CA GLU B 344 -21.76 -7.73 -19.40
C GLU B 344 -22.63 -8.97 -19.61
N PHE B 345 -22.16 -10.10 -19.09
CA PHE B 345 -22.94 -11.33 -19.16
C PHE B 345 -24.29 -11.20 -18.50
N VAL B 346 -24.29 -10.86 -17.22
CA VAL B 346 -25.54 -10.70 -16.51
C VAL B 346 -26.31 -9.54 -17.12
N LYS B 347 -25.63 -8.68 -17.85
CA LYS B 347 -26.31 -7.63 -18.60
C LYS B 347 -27.09 -8.25 -19.76
N TYR B 348 -26.56 -9.31 -20.35
CA TYR B 348 -27.27 -10.00 -21.43
C TYR B 348 -28.26 -11.02 -20.86
N LEU B 349 -28.25 -11.21 -19.55
CA LEU B 349 -29.13 -12.22 -18.98
C LEU B 349 -30.58 -11.72 -19.00
N LYS B 350 -30.88 -10.71 -18.19
CA LYS B 350 -32.24 -10.17 -18.14
C LYS B 350 -32.48 -9.20 -19.28
N PRO B 351 -33.37 -9.55 -20.20
CA PRO B 351 -33.63 -8.78 -21.43
C PRO B 351 -34.20 -7.40 -21.14
N GLN B 356 -30.35 -12.58 -26.22
CA GLN B 356 -31.03 -13.82 -25.87
C GLN B 356 -30.06 -14.81 -25.23
N LEU B 357 -30.59 -15.66 -24.34
CA LEU B 357 -29.75 -16.64 -23.68
C LEU B 357 -30.45 -18.00 -23.58
N SER B 358 -29.82 -19.03 -24.12
CA SER B 358 -30.36 -20.38 -24.00
C SER B 358 -29.65 -21.14 -22.90
N ASP B 359 -30.41 -21.94 -22.17
CA ASP B 359 -29.93 -22.63 -20.98
C ASP B 359 -28.61 -23.36 -21.15
N THR B 360 -28.50 -24.13 -22.24
CA THR B 360 -27.26 -24.83 -22.53
C THR B 360 -26.14 -23.82 -22.75
N THR B 361 -26.42 -22.80 -23.56
CA THR B 361 -25.45 -21.74 -23.79
C THR B 361 -25.25 -20.93 -22.52
N LYS B 362 -26.26 -20.91 -21.66
CA LYS B 362 -26.13 -20.23 -20.38
C LYS B 362 -25.05 -20.89 -19.54
N ALA B 363 -25.22 -22.18 -19.27
CA ALA B 363 -24.25 -22.91 -18.46
C ALA B 363 -22.89 -22.90 -19.12
N ILE B 364 -22.88 -23.14 -20.43
CA ILE B 364 -21.63 -23.18 -21.19
C ILE B 364 -20.86 -21.88 -21.02
N ILE B 365 -21.50 -20.77 -21.37
CA ILE B 365 -20.84 -19.48 -21.25
C ILE B 365 -20.58 -19.14 -19.80
N SER B 366 -21.25 -19.84 -18.89
CA SER B 366 -21.06 -19.58 -17.48
C SER B 366 -19.71 -20.13 -17.05
N PHE B 367 -19.53 -21.44 -17.12
CA PHE B 367 -18.25 -22.04 -16.76
C PHE B 367 -17.15 -21.51 -17.66
N ALA B 368 -17.52 -21.09 -18.86
CA ALA B 368 -16.57 -20.43 -19.74
C ALA B 368 -16.15 -19.12 -19.11
N LEU B 369 -17.09 -18.49 -18.41
CA LEU B 369 -16.80 -17.23 -17.77
C LEU B 369 -16.11 -17.49 -16.44
N CYS B 370 -15.91 -18.77 -16.13
CA CYS B 370 -15.22 -19.13 -14.90
C CYS B 370 -13.74 -19.29 -15.16
N GLY B 371 -12.94 -18.92 -14.18
CA GLY B 371 -11.50 -18.88 -14.32
C GLY B 371 -11.05 -17.45 -14.51
N PHE B 372 -9.92 -17.12 -13.92
CA PHE B 372 -9.45 -15.74 -13.87
C PHE B 372 -8.40 -15.46 -14.93
N ALA B 373 -8.11 -16.47 -15.75
CA ALA B 373 -7.02 -16.37 -16.70
C ALA B 373 -7.18 -15.16 -17.61
N ASN B 374 -6.16 -14.32 -17.62
CA ASN B 374 -6.13 -13.17 -18.51
C ASN B 374 -4.73 -12.59 -18.65
N LEU B 375 -4.65 -11.44 -19.30
CA LEU B 375 -3.39 -10.75 -19.44
C LEU B 375 -2.83 -10.35 -18.08
N GLY B 376 -3.67 -9.75 -17.25
CA GLY B 376 -3.24 -9.31 -15.94
C GLY B 376 -2.87 -10.49 -15.08
N SER B 377 -3.50 -11.62 -15.33
CA SER B 377 -3.24 -12.81 -14.55
C SER B 377 -1.81 -13.29 -14.78
N ILE B 378 -1.43 -13.50 -16.04
CA ILE B 378 -0.05 -13.85 -16.33
C ILE B 378 0.90 -12.74 -15.98
N ALA B 379 0.40 -11.51 -15.93
CA ALA B 379 1.23 -10.43 -15.43
C ALA B 379 1.62 -10.77 -14.01
N VAL B 380 0.64 -11.15 -13.21
CA VAL B 380 0.90 -11.57 -11.85
C VAL B 380 1.85 -12.76 -11.79
N LEU B 381 1.39 -13.92 -12.27
CA LEU B 381 2.15 -15.15 -12.09
C LEU B 381 3.47 -15.15 -12.83
N VAL B 382 3.71 -14.16 -13.68
CA VAL B 382 5.07 -13.92 -14.10
C VAL B 382 5.78 -13.11 -13.05
N GLY B 383 5.12 -12.10 -12.50
CA GLY B 383 5.79 -11.21 -11.58
C GLY B 383 6.30 -11.89 -10.33
N GLY B 384 5.39 -12.51 -9.58
CA GLY B 384 5.79 -13.10 -8.31
C GLY B 384 6.71 -14.28 -8.52
N LEU B 385 6.28 -15.15 -9.41
CA LEU B 385 7.01 -16.36 -9.71
C LEU B 385 8.42 -15.98 -10.14
N SER B 386 8.55 -14.87 -10.85
CA SER B 386 9.84 -14.29 -11.13
C SER B 386 10.56 -13.95 -9.85
N ILE B 387 9.89 -13.25 -8.95
CA ILE B 387 10.52 -12.80 -7.71
C ILE B 387 11.15 -13.95 -6.96
N MET B 388 10.57 -15.14 -7.10
CA MET B 388 11.19 -16.31 -6.51
C MET B 388 12.26 -16.97 -7.40
N ALA B 389 12.30 -16.61 -8.69
CA ALA B 389 13.27 -17.20 -9.58
C ALA B 389 13.80 -16.21 -10.62
N PRO B 390 14.67 -15.29 -10.20
CA PRO B 390 15.15 -14.18 -11.02
C PRO B 390 15.90 -14.63 -12.26
N LYS B 391 16.73 -15.65 -12.14
CA LYS B 391 17.47 -16.16 -13.29
C LYS B 391 16.53 -16.86 -14.24
N ARG B 392 15.34 -17.16 -13.74
CA ARG B 392 14.34 -17.84 -14.53
C ARG B 392 13.36 -16.85 -15.15
N ARG B 393 13.53 -15.57 -14.81
CA ARG B 393 12.54 -14.55 -15.14
C ARG B 393 12.17 -14.49 -16.61
N LYS B 394 13.18 -14.35 -17.46
CA LYS B 394 12.97 -14.24 -18.89
C LYS B 394 12.19 -15.46 -19.37
N ASP B 395 12.62 -16.61 -18.90
CA ASP B 395 12.01 -17.89 -19.28
C ASP B 395 10.54 -17.98 -18.89
N VAL B 396 10.19 -17.48 -17.72
CA VAL B 396 8.79 -17.48 -17.32
C VAL B 396 7.99 -16.51 -18.15
N ALA B 397 8.46 -15.28 -18.21
CA ALA B 397 7.72 -14.21 -18.85
C ALA B 397 7.51 -14.51 -20.33
N ARG B 398 8.41 -15.29 -20.90
CA ARG B 398 8.32 -15.66 -22.31
C ARG B 398 7.09 -16.52 -22.62
N LEU B 399 6.58 -17.22 -21.62
CA LEU B 399 5.51 -18.17 -21.84
C LEU B 399 4.10 -17.68 -21.54
N GLY B 400 3.98 -16.44 -21.05
CA GLY B 400 2.73 -15.97 -20.49
C GLY B 400 1.50 -16.17 -21.35
N ILE B 401 1.56 -15.68 -22.59
CA ILE B 401 0.40 -15.70 -23.44
C ILE B 401 -0.05 -17.12 -23.76
N LYS B 402 0.90 -17.95 -24.16
CA LYS B 402 0.60 -19.32 -24.56
C LYS B 402 0.00 -20.05 -23.36
N ALA B 403 0.45 -19.65 -22.17
CA ALA B 403 -0.11 -20.16 -20.95
C ALA B 403 -1.57 -19.78 -20.82
N VAL B 404 -1.87 -18.50 -21.05
CA VAL B 404 -3.25 -18.06 -21.06
C VAL B 404 -4.06 -18.94 -21.97
N VAL B 405 -3.53 -19.19 -23.16
CA VAL B 405 -4.19 -20.10 -24.09
C VAL B 405 -4.50 -21.41 -23.41
N ALA B 406 -3.50 -21.96 -22.74
CA ALA B 406 -3.66 -23.27 -22.11
C ALA B 406 -4.78 -23.28 -21.09
N GLY B 407 -4.68 -22.39 -20.10
CA GLY B 407 -5.66 -22.37 -19.03
C GLY B 407 -7.06 -22.04 -19.51
N SER B 408 -7.13 -21.12 -20.47
CA SER B 408 -8.40 -20.75 -21.07
C SER B 408 -9.03 -22.00 -21.65
N LEU B 409 -8.30 -22.67 -22.53
CA LEU B 409 -8.81 -23.88 -23.15
C LEU B 409 -9.16 -24.91 -22.10
N SER B 410 -8.52 -24.84 -20.94
CA SER B 410 -8.87 -25.75 -19.88
C SER B 410 -10.28 -25.45 -19.41
N ASN B 411 -10.52 -24.20 -19.01
CA ASN B 411 -11.86 -23.80 -18.61
C ASN B 411 -12.88 -24.03 -19.71
N LEU B 412 -12.42 -24.07 -20.95
CA LEU B 412 -13.30 -24.28 -22.08
C LEU B 412 -13.68 -25.75 -22.16
N MET B 413 -12.71 -26.61 -21.90
CA MET B 413 -12.96 -28.03 -21.81
C MET B 413 -14.02 -28.22 -20.75
N SER B 414 -13.79 -27.57 -19.62
CA SER B 414 -14.75 -27.57 -18.54
C SER B 414 -16.11 -27.11 -19.03
N ALA B 415 -16.11 -26.11 -19.90
CA ALA B 415 -17.34 -25.51 -20.37
C ALA B 415 -18.16 -26.49 -21.18
N VAL B 416 -17.53 -27.04 -22.22
CA VAL B 416 -18.19 -27.99 -23.09
C VAL B 416 -18.68 -29.15 -22.27
N ILE B 417 -17.83 -29.62 -21.35
CA ILE B 417 -18.23 -30.70 -20.45
C ILE B 417 -19.51 -30.32 -19.71
N ALA B 418 -19.61 -29.06 -19.33
CA ALA B 418 -20.83 -28.60 -18.67
C ALA B 418 -21.99 -28.69 -19.64
N GLY B 419 -21.73 -28.40 -20.91
CA GLY B 419 -22.75 -28.50 -21.93
C GLY B 419 -23.23 -29.92 -22.10
N LEU B 420 -22.33 -30.87 -21.84
CA LEU B 420 -22.62 -32.28 -22.04
C LEU B 420 -23.69 -32.80 -21.10
N PHE B 421 -23.72 -32.25 -19.89
CA PHE B 421 -24.70 -32.71 -18.90
C PHE B 421 -25.94 -31.83 -18.91
N THR B 422 -25.97 -30.88 -19.84
CA THR B 422 -27.13 -30.03 -20.03
C THR B 422 -28.24 -30.78 -20.76
N VAL C 8 -10.71 -3.94 49.66
CA VAL C 8 -10.30 -3.88 48.26
C VAL C 8 -8.79 -3.63 48.15
N VAL C 9 -8.28 -2.78 49.03
CA VAL C 9 -6.87 -2.45 49.01
C VAL C 9 -5.95 -3.67 49.14
N LEU C 10 -6.18 -4.46 50.17
CA LEU C 10 -5.32 -5.59 50.45
C LEU C 10 -5.46 -6.63 49.37
N HIS C 11 -6.58 -6.60 48.66
CA HIS C 11 -6.81 -7.52 47.56
C HIS C 11 -5.82 -7.25 46.44
N SER C 12 -5.64 -5.97 46.11
CA SER C 12 -4.69 -5.59 45.09
C SER C 12 -3.26 -5.79 45.56
N LEU C 13 -2.99 -5.45 46.82
CA LEU C 13 -1.67 -5.68 47.38
C LEU C 13 -1.29 -7.15 47.20
N LEU C 14 -2.24 -8.00 47.56
CA LEU C 14 -2.17 -9.42 47.29
C LEU C 14 -1.84 -9.65 45.84
N GLY C 15 -2.55 -8.98 44.94
CA GLY C 15 -2.30 -9.13 43.51
C GLY C 15 -0.84 -8.94 43.16
N MET C 16 -0.27 -7.82 43.59
CA MET C 16 1.13 -7.54 43.37
C MET C 16 1.97 -8.70 43.83
N ALA C 17 1.75 -9.07 45.08
CA ALA C 17 2.50 -10.16 45.69
C ALA C 17 2.47 -11.39 44.81
N VAL C 18 1.29 -11.70 44.28
CA VAL C 18 1.11 -12.87 43.45
C VAL C 18 1.90 -12.77 42.16
N LEU C 19 1.79 -11.64 41.47
CA LEU C 19 2.51 -11.49 40.23
C LEU C 19 4.00 -11.67 40.45
N ILE C 20 4.56 -10.89 41.37
CA ILE C 20 5.98 -11.01 41.64
C ILE C 20 6.32 -12.45 41.99
N ALA C 21 5.40 -13.12 42.67
CA ALA C 21 5.61 -14.51 43.02
C ALA C 21 5.83 -15.32 41.76
N ILE C 22 4.89 -15.20 40.83
CA ILE C 22 5.00 -15.91 39.56
C ILE C 22 6.34 -15.61 38.90
N ALA C 23 6.77 -14.36 39.01
CA ALA C 23 8.04 -13.96 38.46
C ALA C 23 9.18 -14.77 39.05
N VAL C 24 9.31 -14.72 40.37
CA VAL C 24 10.37 -15.43 41.06
C VAL C 24 10.35 -16.90 40.70
N LEU C 25 9.16 -17.46 40.59
CA LEU C 25 9.01 -18.84 40.19
C LEU C 25 9.68 -19.06 38.83
N LEU C 26 9.23 -18.33 37.83
CA LEU C 26 9.72 -18.58 36.48
C LEU C 26 11.15 -18.10 36.29
N SER C 27 11.60 -17.24 37.19
CA SER C 27 12.91 -16.63 37.04
C SER C 27 14.03 -17.67 37.02
N THR C 28 15.00 -17.46 36.14
CA THR C 28 16.13 -18.37 36.05
C THR C 28 16.88 -18.40 37.36
N ASP C 29 17.30 -17.23 37.80
CA ASP C 29 18.07 -17.13 39.02
C ASP C 29 17.25 -16.43 40.08
N ARG C 30 16.84 -17.17 41.10
CA ARG C 30 16.01 -16.65 42.18
C ARG C 30 16.83 -15.77 43.11
N LYS C 31 18.09 -16.11 43.30
CA LYS C 31 18.98 -15.21 44.02
C LYS C 31 19.70 -14.31 43.03
N ALA C 32 20.72 -13.62 43.53
CA ALA C 32 21.48 -12.65 42.73
C ALA C 32 20.57 -11.58 42.18
N ILE C 33 19.48 -11.31 42.89
CA ILE C 33 18.59 -10.21 42.56
C ILE C 33 18.91 -9.00 43.41
N ASN C 34 19.40 -7.94 42.81
CA ASN C 34 19.71 -6.77 43.61
C ASN C 34 18.42 -6.04 43.93
N ILE C 35 18.14 -5.95 45.23
CA ILE C 35 16.86 -5.47 45.70
C ILE C 35 16.63 -4.02 45.35
N ARG C 36 17.71 -3.24 45.44
CA ARG C 36 17.65 -1.81 45.17
C ARG C 36 17.07 -1.58 43.80
N THR C 37 17.70 -2.19 42.81
CA THR C 37 17.27 -2.10 41.42
C THR C 37 15.80 -2.47 41.26
N VAL C 38 15.44 -3.63 41.78
CA VAL C 38 14.12 -4.18 41.52
C VAL C 38 13.02 -3.45 42.25
N ALA C 39 12.99 -3.59 43.57
CA ALA C 39 11.93 -2.97 44.35
C ALA C 39 11.97 -1.47 44.16
N GLY C 40 13.13 -0.94 43.80
CA GLY C 40 13.24 0.46 43.47
C GLY C 40 12.40 0.77 42.25
N ALA C 41 12.66 0.03 41.18
CA ALA C 41 11.89 0.22 39.96
C ALA C 41 10.40 0.10 40.25
N PHE C 42 10.03 -0.99 40.89
CA PHE C 42 8.64 -1.21 41.27
C PHE C 42 8.04 -0.02 41.97
N LEU C 43 8.73 0.44 43.00
CA LEU C 43 8.31 1.57 43.78
C LEU C 43 8.09 2.76 42.87
N ILE C 44 8.94 2.91 41.86
CA ILE C 44 8.75 3.97 40.90
C ILE C 44 7.45 3.77 40.14
N GLN C 45 7.16 2.54 39.78
CA GLN C 45 5.95 2.26 39.02
C GLN C 45 4.71 2.68 39.81
N VAL C 46 4.56 2.13 41.00
CA VAL C 46 3.40 2.47 41.80
C VAL C 46 3.38 3.95 42.07
N ALA C 47 4.57 4.55 42.15
CA ALA C 47 4.66 5.97 42.43
C ALA C 47 4.02 6.76 41.30
N LEU C 48 4.38 6.45 40.06
CA LEU C 48 3.80 7.14 38.93
C LEU C 48 2.31 6.91 38.91
N GLY C 49 1.90 5.69 39.24
CA GLY C 49 0.48 5.41 39.27
C GLY C 49 -0.27 6.33 40.20
N ALA C 50 0.13 6.33 41.46
CA ALA C 50 -0.49 7.18 42.46
C ALA C 50 -0.42 8.64 42.04
N LEU C 51 0.70 9.01 41.47
CA LEU C 51 0.96 10.38 41.08
C LEU C 51 -0.06 10.87 40.07
N VAL C 52 -0.15 10.19 38.93
CA VAL C 52 -1.04 10.69 37.89
C VAL C 52 -2.49 10.43 38.22
N LEU C 53 -2.74 9.48 39.11
CA LEU C 53 -4.10 9.07 39.40
C LEU C 53 -4.64 9.64 40.70
N TYR C 54 -3.99 9.33 41.81
CA TYR C 54 -4.60 9.59 43.11
C TYR C 54 -4.64 11.08 43.44
N VAL C 55 -3.49 11.69 43.65
CA VAL C 55 -3.45 13.12 43.98
C VAL C 55 -4.05 13.98 42.87
N PRO C 56 -4.71 15.09 43.24
CA PRO C 56 -5.42 15.93 42.26
C PRO C 56 -4.54 16.46 41.15
N GLN C 57 -3.38 17.01 41.50
CA GLN C 57 -2.49 17.57 40.50
C GLN C 57 -2.16 16.55 39.43
N GLY C 58 -2.12 15.28 39.83
CA GLY C 58 -1.93 14.22 38.88
C GLY C 58 -3.06 14.15 37.88
N ARG C 59 -4.27 14.04 38.39
CA ARG C 59 -5.45 14.01 37.52
C ARG C 59 -5.48 15.20 36.59
N ASP C 60 -5.15 16.38 37.10
CA ASP C 60 -5.14 17.57 36.25
C ASP C 60 -4.10 17.48 35.15
N MET C 61 -2.86 17.21 35.52
CA MET C 61 -1.80 17.21 34.53
C MET C 61 -2.04 16.14 33.48
N LEU C 62 -2.53 14.99 33.93
CA LEU C 62 -2.83 13.89 33.02
C LEU C 62 -3.92 14.30 32.05
N GLY C 63 -5.00 14.84 32.60
CA GLY C 63 -6.12 15.28 31.78
C GLY C 63 -5.63 16.27 30.76
N GLU C 64 -4.71 17.13 31.18
CA GLU C 64 -4.16 18.14 30.30
C GLU C 64 -3.38 17.48 29.17
N ALA C 65 -2.69 16.38 29.49
CA ALA C 65 -2.01 15.62 28.47
C ALA C 65 -3.03 15.17 27.45
N SER C 66 -4.10 14.56 27.93
CA SER C 66 -5.15 14.11 27.04
C SER C 66 -5.64 15.22 26.14
N LYS C 67 -5.82 16.41 26.70
CA LYS C 67 -6.21 17.57 25.92
C LYS C 67 -5.22 17.78 24.80
N THR C 68 -3.94 17.78 25.16
CA THR C 68 -2.89 18.04 24.19
C THR C 68 -2.93 17.08 23.03
N ILE C 69 -2.68 15.81 23.29
CA ILE C 69 -2.53 14.90 22.17
C ILE C 69 -3.87 14.57 21.54
N SER C 70 -4.96 14.94 22.19
CA SER C 70 -6.25 14.84 21.51
C SER C 70 -6.32 15.95 20.48
N ASN C 71 -5.75 17.11 20.80
CA ASN C 71 -5.66 18.15 19.79
C ASN C 71 -4.77 17.67 18.65
N VAL C 72 -3.69 16.99 19.02
CA VAL C 72 -2.81 16.44 18.01
C VAL C 72 -3.56 15.52 17.08
N ILE C 73 -4.22 14.52 17.67
CA ILE C 73 -5.00 13.59 16.91
C ILE C 73 -6.03 14.31 16.06
N ALA C 74 -6.60 15.38 16.59
CA ALA C 74 -7.56 16.17 15.84
C ALA C 74 -6.93 16.75 14.60
N TYR C 75 -5.68 17.16 14.72
CA TYR C 75 -4.93 17.58 13.54
C TYR C 75 -4.86 16.41 12.59
N GLY C 76 -4.57 15.23 13.13
CA GLY C 76 -4.46 14.03 12.33
C GLY C 76 -5.69 13.82 11.47
N ASN C 77 -6.85 13.82 12.11
CA ASN C 77 -8.09 13.69 11.38
C ASN C 77 -8.38 14.87 10.48
N ASN C 78 -7.72 16.01 10.69
CA ASN C 78 -7.83 17.04 9.67
C ASN C 78 -7.18 16.49 8.43
N GLY C 79 -6.01 15.90 8.64
CA GLY C 79 -5.28 15.30 7.54
C GLY C 79 -6.14 14.30 6.81
N VAL C 80 -6.69 13.36 7.55
CA VAL C 80 -7.51 12.32 6.94
C VAL C 80 -8.67 12.93 6.21
N ASP C 81 -9.35 13.87 6.86
CA ASP C 81 -10.49 14.53 6.23
C ASP C 81 -10.08 15.12 4.89
N PHE C 82 -8.80 15.47 4.75
CA PHE C 82 -8.32 15.90 3.45
C PHE C 82 -8.04 14.77 2.48
N LEU C 83 -7.36 13.74 2.96
CA LEU C 83 -6.94 12.67 2.06
C LEU C 83 -8.12 11.83 1.58
N PHE C 84 -8.94 11.38 2.51
CA PHE C 84 -10.07 10.49 2.21
C PHE C 84 -11.39 11.19 2.03
N GLY C 85 -11.41 12.50 2.26
CA GLY C 85 -12.62 13.27 2.01
C GLY C 85 -13.80 12.94 2.91
N GLY C 86 -15.00 13.18 2.41
CA GLY C 86 -16.19 13.10 3.24
C GLY C 86 -16.61 11.70 3.63
N LEU C 87 -15.82 10.70 3.27
CA LEU C 87 -16.16 9.33 3.61
C LEU C 87 -16.14 9.11 5.11
N VAL C 88 -15.43 9.97 5.82
CA VAL C 88 -15.45 9.94 7.27
C VAL C 88 -16.35 11.00 7.92
N SER C 89 -17.05 11.79 7.12
CA SER C 89 -17.74 12.95 7.65
C SER C 89 -18.94 12.55 8.51
N GLU C 90 -19.66 13.55 9.01
CA GLU C 90 -20.79 13.32 9.88
C GLU C 90 -21.99 12.77 9.13
N LYS C 91 -21.88 12.70 7.80
CA LYS C 91 -22.98 12.24 6.97
C LYS C 91 -23.14 10.73 7.05
N MET C 92 -22.05 10.05 7.35
CA MET C 92 -22.04 8.59 7.40
C MET C 92 -23.02 8.07 8.43
N PHE C 93 -22.97 8.62 9.63
CA PHE C 93 -23.84 8.16 10.71
C PHE C 93 -25.32 8.33 10.37
N GLU C 94 -25.62 9.22 9.44
CA GLU C 94 -27.02 9.40 9.02
C GLU C 94 -27.34 8.31 8.01
N VAL C 95 -26.37 7.47 7.72
CA VAL C 95 -26.57 6.40 6.77
C VAL C 95 -26.31 5.03 7.39
N PHE C 96 -25.03 4.71 7.57
CA PHE C 96 -24.64 3.38 8.00
C PHE C 96 -24.79 3.25 9.50
N GLY C 97 -24.96 4.39 10.16
CA GLY C 97 -25.12 4.43 11.59
C GLY C 97 -23.97 3.81 12.33
N GLY C 98 -24.28 2.90 13.25
CA GLY C 98 -23.27 2.27 14.08
C GLY C 98 -22.30 1.43 13.30
N GLY C 99 -22.54 1.28 12.01
CA GLY C 99 -21.60 0.61 11.13
C GLY C 99 -20.77 1.59 10.34
N GLY C 100 -21.20 2.85 10.34
CA GLY C 100 -20.53 3.87 9.56
C GLY C 100 -19.10 4.13 9.97
N PHE C 101 -18.71 3.65 11.12
CA PHE C 101 -17.37 3.89 11.61
C PHE C 101 -16.45 2.95 10.89
N VAL C 102 -15.52 3.51 10.13
CA VAL C 102 -14.68 2.72 9.26
C VAL C 102 -13.31 2.55 9.87
N PHE C 103 -13.03 1.35 10.35
CA PHE C 103 -11.85 1.13 11.15
C PHE C 103 -10.59 1.31 10.34
N ALA C 104 -10.70 1.10 9.03
CA ALA C 104 -9.54 1.24 8.16
C ALA C 104 -9.27 2.68 7.79
N LEU C 105 -10.31 3.41 7.44
CA LEU C 105 -10.13 4.77 6.94
C LEU C 105 -9.89 5.76 8.06
N ARG C 106 -10.41 5.46 9.24
CA ARG C 106 -10.20 6.38 10.35
C ARG C 106 -8.97 6.01 11.16
N VAL C 107 -8.97 4.83 11.78
CA VAL C 107 -7.91 4.47 12.70
C VAL C 107 -6.50 4.41 12.11
N LEU C 108 -6.31 3.58 11.11
CA LEU C 108 -4.98 3.35 10.53
C LEU C 108 -4.23 4.64 10.15
N PRO C 109 -4.93 5.58 9.50
CA PRO C 109 -4.17 6.77 9.14
C PRO C 109 -3.54 7.48 10.32
N MET C 110 -4.08 7.32 11.51
CA MET C 110 -3.45 7.92 12.67
C MET C 110 -2.14 7.23 12.93
N ILE C 111 -2.08 5.93 12.62
CA ILE C 111 -0.81 5.25 12.68
C ILE C 111 0.15 5.94 11.75
N VAL C 112 -0.30 6.19 10.54
CA VAL C 112 0.59 6.89 9.60
C VAL C 112 1.08 8.22 10.16
N PHE C 113 0.14 9.13 10.37
CA PHE C 113 0.45 10.46 10.85
C PHE C 113 1.39 10.47 12.03
N PHE C 114 1.07 9.71 13.07
CA PHE C 114 1.99 9.59 14.18
C PHE C 114 3.36 9.09 13.79
N SER C 115 3.45 8.18 12.82
CA SER C 115 4.77 7.73 12.42
C SER C 115 5.53 8.93 11.89
N SER C 116 4.83 9.78 11.14
CA SER C 116 5.48 10.98 10.63
C SER C 116 5.95 11.86 11.76
N LEU C 117 5.02 12.26 12.61
CA LEU C 117 5.35 13.18 13.69
C LEU C 117 6.51 12.66 14.50
N MET C 118 6.45 11.40 14.90
CA MET C 118 7.52 10.82 15.70
C MET C 118 8.85 10.88 14.96
N ALA C 119 8.83 10.65 13.66
CA ALA C 119 10.06 10.79 12.90
C ALA C 119 10.58 12.22 13.01
N VAL C 120 9.68 13.18 12.90
CA VAL C 120 10.05 14.57 13.06
C VAL C 120 10.73 14.78 14.39
N LEU C 121 10.15 14.22 15.44
CA LEU C 121 10.68 14.40 16.79
C LEU C 121 12.04 13.76 16.99
N TYR C 122 12.34 12.68 16.26
CA TYR C 122 13.73 12.25 16.21
C TYR C 122 14.55 13.35 15.61
N TYR C 123 14.09 13.82 14.44
CA TYR C 123 14.93 14.67 13.62
C TYR C 123 15.34 15.94 14.35
N ILE C 124 14.36 16.68 14.85
CA ILE C 124 14.65 17.90 15.58
C ILE C 124 15.44 17.59 16.85
N GLY C 125 15.24 16.40 17.40
CA GLY C 125 16.02 15.96 18.53
C GLY C 125 15.31 15.92 19.87
N VAL C 126 14.03 16.25 19.87
CA VAL C 126 13.26 16.27 21.11
C VAL C 126 13.27 14.92 21.82
N MET C 127 12.85 13.89 21.10
CA MET C 127 12.87 12.54 21.66
C MET C 127 14.23 12.20 22.21
N GLN C 128 15.28 12.36 21.41
CA GLN C 128 16.63 12.08 21.88
C GLN C 128 16.91 12.78 23.20
N LEU C 129 16.45 14.02 23.30
CA LEU C 129 16.64 14.80 24.51
C LEU C 129 15.96 14.17 25.72
N LEU C 130 14.64 13.97 25.62
CA LEU C 130 13.92 13.40 26.75
C LEU C 130 14.42 12.01 27.11
N ILE C 131 14.63 11.18 26.10
CA ILE C 131 15.22 9.86 26.31
C ILE C 131 16.48 9.98 27.13
N LYS C 132 17.33 10.94 26.77
CA LYS C 132 18.54 11.16 27.54
C LYS C 132 18.17 11.46 28.99
N VAL C 133 17.18 12.33 29.19
CA VAL C 133 16.84 12.72 30.55
C VAL C 133 16.34 11.57 31.41
N ILE C 134 15.25 10.94 30.96
CA ILE C 134 14.62 9.87 31.71
C ILE C 134 15.56 8.69 31.85
N GLY C 135 16.32 8.41 30.81
CA GLY C 135 17.33 7.39 30.86
C GLY C 135 18.27 7.68 32.00
N GLY C 136 18.78 8.90 32.04
CA GLY C 136 19.66 9.33 33.11
C GLY C 136 19.02 9.13 34.46
N PHE C 137 17.73 9.42 34.55
CA PHE C 137 16.99 9.24 35.79
C PHE C 137 17.02 7.79 36.23
N LEU C 138 16.69 6.90 35.31
CA LEU C 138 16.67 5.49 35.63
C LEU C 138 18.05 4.99 36.03
N GLN C 139 19.06 5.31 35.22
CA GLN C 139 20.39 4.79 35.50
C GLN C 139 20.88 5.31 36.85
N LYS C 140 20.52 6.55 37.19
CA LYS C 140 21.01 7.09 38.44
C LYS C 140 20.29 6.48 39.62
N MET C 141 18.95 6.43 39.56
CA MET C 141 18.21 5.98 40.73
C MET C 141 18.40 4.50 40.99
N LEU C 142 18.19 3.66 39.99
CA LEU C 142 18.38 2.23 40.18
C LEU C 142 19.85 1.80 40.14
N GLY C 143 20.58 2.29 39.13
CA GLY C 143 21.93 1.83 38.89
C GLY C 143 22.02 0.91 37.68
N THR C 144 20.92 0.80 36.96
CA THR C 144 20.86 -0.05 35.77
C THR C 144 21.75 0.48 34.66
N SER C 145 22.06 -0.38 33.69
CA SER C 145 22.90 0.02 32.58
C SER C 145 22.21 1.05 31.70
N LYS C 146 23.01 1.82 30.98
CA LYS C 146 22.54 3.02 30.30
C LYS C 146 21.65 2.68 29.11
N ALA C 147 22.10 1.70 28.33
CA ALA C 147 21.46 1.36 27.07
C ALA C 147 20.03 0.85 27.26
N GLU C 148 19.80 0.09 28.31
CA GLU C 148 18.49 -0.50 28.52
C GLU C 148 17.49 0.53 29.02
N SER C 149 17.95 1.41 29.91
CA SER C 149 17.13 2.51 30.37
C SER C 149 16.70 3.33 29.17
N MET C 150 17.69 3.73 28.37
CA MET C 150 17.40 4.47 27.16
C MET C 150 16.41 3.71 26.28
N SER C 151 16.58 2.40 26.20
CA SER C 151 15.75 1.56 25.36
C SER C 151 14.30 1.68 25.75
N ALA C 152 14.04 1.56 27.05
CA ALA C 152 12.68 1.71 27.55
C ALA C 152 12.17 3.10 27.21
N ALA C 153 13.01 4.08 27.50
CA ALA C 153 12.66 5.47 27.29
C ALA C 153 12.09 5.70 25.90
N ALA C 154 12.81 5.23 24.90
CA ALA C 154 12.29 5.39 23.55
C ALA C 154 11.09 4.49 23.35
N LEU C 155 11.15 3.29 23.92
CA LEU C 155 10.14 2.26 23.68
C LEU C 155 8.75 2.75 24.02
N ILE C 156 8.67 3.69 24.97
CA ILE C 156 7.41 4.37 25.21
C ILE C 156 6.96 5.16 24.00
N PHE C 157 7.84 6.07 23.59
CA PHE C 157 7.50 7.14 22.68
C PHE C 157 7.47 6.80 21.20
N VAL C 158 8.14 5.73 20.78
CA VAL C 158 8.31 5.51 19.35
C VAL C 158 7.95 4.11 18.87
N GLY C 159 7.76 4.00 17.56
CA GLY C 159 7.38 2.75 16.93
C GLY C 159 8.44 1.67 17.07
N GLN C 160 8.05 0.44 16.77
CA GLN C 160 8.96 -0.69 16.90
C GLN C 160 10.02 -0.69 15.82
N THR C 161 9.74 -0.02 14.70
CA THR C 161 10.73 0.13 13.64
C THR C 161 11.70 1.26 13.92
N GLU C 162 11.21 2.35 14.50
CA GLU C 162 12.05 3.50 14.80
C GLU C 162 12.69 3.37 16.17
N ALA C 163 12.33 2.33 16.91
CA ALA C 163 12.96 2.09 18.19
C ALA C 163 14.45 1.73 18.08
N PRO C 164 14.82 0.85 17.14
CA PRO C 164 16.24 0.49 17.09
C PRO C 164 17.19 1.65 16.83
N LEU C 165 16.69 2.79 16.36
CA LEU C 165 17.56 3.92 16.03
C LEU C 165 18.53 4.25 17.15
N VAL C 166 18.06 4.25 18.39
CA VAL C 166 18.93 4.50 19.53
C VAL C 166 19.69 3.28 20.02
N VAL C 167 19.00 2.15 20.07
CA VAL C 167 19.50 0.97 20.76
C VAL C 167 20.54 0.18 19.97
N ARG C 168 20.45 0.22 18.64
CA ARG C 168 21.24 -0.67 17.79
C ARG C 168 22.75 -0.66 18.02
N PRO C 169 23.38 0.51 18.23
CA PRO C 169 24.83 0.36 18.33
C PRO C 169 25.27 -0.33 19.62
N TYR C 170 24.42 -0.25 20.64
CA TYR C 170 24.77 -0.82 21.93
C TYR C 170 24.55 -2.32 21.98
N ILE C 171 23.62 -2.81 21.17
CA ILE C 171 23.16 -4.20 21.23
C ILE C 171 24.31 -5.20 21.12
N ARG C 172 25.35 -4.81 20.39
CA ARG C 172 26.47 -5.69 20.08
C ARG C 172 27.01 -6.40 21.32
N ARG C 173 27.66 -5.65 22.20
CA ARG C 173 28.27 -6.24 23.39
C ARG C 173 27.26 -6.36 24.51
N MET C 174 26.00 -6.03 24.24
CA MET C 174 24.96 -6.09 25.25
C MET C 174 24.87 -7.45 25.92
N THR C 175 24.69 -7.43 27.23
CA THR C 175 24.64 -8.66 28.02
C THR C 175 23.32 -9.35 27.83
N GLU C 176 23.08 -10.41 28.61
CA GLU C 176 21.84 -11.14 28.51
C GLU C 176 20.70 -10.39 29.17
N SER C 177 20.97 -9.87 30.36
CA SER C 177 19.99 -9.06 31.05
C SER C 177 19.55 -7.90 30.19
N GLU C 178 20.52 -7.09 29.78
CA GLU C 178 20.26 -5.91 28.95
C GLU C 178 19.37 -6.23 27.78
N LEU C 179 19.69 -7.32 27.09
CA LEU C 179 18.93 -7.74 25.92
C LEU C 179 17.51 -8.08 26.31
N PHE C 180 17.37 -8.85 27.38
CA PHE C 180 16.06 -9.28 27.81
C PHE C 180 15.25 -8.06 28.24
N ALA C 181 15.96 -7.00 28.61
CA ALA C 181 15.31 -5.76 29.02
C ALA C 181 14.82 -5.01 27.82
N VAL C 182 15.62 -5.04 26.76
CA VAL C 182 15.20 -4.45 25.51
C VAL C 182 13.92 -5.11 25.07
N MET C 183 13.93 -6.44 25.03
CA MET C 183 12.76 -7.18 24.62
C MET C 183 11.55 -6.87 25.50
N SER C 184 11.72 -6.98 26.81
CA SER C 184 10.60 -6.78 27.73
C SER C 184 10.01 -5.41 27.58
N GLY C 185 10.85 -4.39 27.76
CA GLY C 185 10.41 -3.02 27.64
C GLY C 185 9.75 -2.79 26.31
N GLY C 186 10.20 -3.53 25.29
CA GLY C 186 9.60 -3.43 23.98
C GLY C 186 8.23 -4.07 23.93
N LEU C 187 8.03 -5.07 24.77
CA LEU C 187 6.78 -5.79 24.78
C LEU C 187 5.69 -5.09 25.55
N ALA C 188 6.05 -4.53 26.69
CA ALA C 188 5.06 -3.86 27.51
C ALA C 188 4.65 -2.53 26.92
N SER C 189 5.61 -1.78 26.43
CA SER C 189 5.35 -0.45 25.91
C SER C 189 4.50 -0.49 24.66
N VAL C 190 3.87 0.64 24.35
CA VAL C 190 3.11 0.74 23.12
C VAL C 190 3.59 1.93 22.29
N ALA C 191 3.65 1.73 20.99
CA ALA C 191 4.15 2.75 20.10
C ALA C 191 3.20 3.91 20.04
N GLY C 192 3.71 5.06 19.59
CA GLY C 192 2.87 6.21 19.41
C GLY C 192 1.72 5.86 18.50
N SER C 193 2.04 5.28 17.36
CA SER C 193 1.04 5.02 16.35
C SER C 193 -0.11 4.18 16.89
N VAL C 194 0.22 3.00 17.39
CA VAL C 194 -0.81 2.10 17.86
C VAL C 194 -1.61 2.78 18.96
N LEU C 195 -0.96 3.69 19.68
CA LEU C 195 -1.63 4.40 20.75
C LEU C 195 -2.73 5.26 20.19
N ALA C 196 -2.38 6.08 19.21
CA ALA C 196 -3.35 6.93 18.56
C ALA C 196 -4.50 6.11 18.05
N GLY C 197 -4.16 4.98 17.43
CA GLY C 197 -5.18 4.07 16.96
C GLY C 197 -6.12 3.78 18.10
N TYR C 198 -5.55 3.41 19.24
CA TYR C 198 -6.34 3.05 20.40
C TYR C 198 -7.27 4.19 20.74
N VAL C 199 -6.80 5.42 20.57
CA VAL C 199 -7.66 6.55 20.84
C VAL C 199 -8.86 6.54 19.93
N GLN C 200 -8.59 6.57 18.63
CA GLN C 200 -9.69 6.70 17.68
C GLN C 200 -10.62 5.51 17.71
N MET C 201 -10.20 4.43 18.34
CA MET C 201 -11.09 3.28 18.50
C MET C 201 -12.14 3.61 19.55
N GLY C 202 -11.88 4.66 20.34
CA GLY C 202 -12.80 5.10 21.36
C GLY C 202 -12.31 4.84 22.77
N VAL C 203 -11.22 4.09 22.87
CA VAL C 203 -10.61 3.73 24.14
C VAL C 203 -10.14 4.94 24.92
N PRO C 204 -10.35 4.95 26.25
CA PRO C 204 -9.96 6.08 27.08
C PRO C 204 -8.51 6.42 26.89
N LEU C 205 -8.22 7.68 26.63
CA LEU C 205 -6.84 8.15 26.49
C LEU C 205 -6.01 8.26 27.77
N PRO C 206 -6.53 8.96 28.81
CA PRO C 206 -5.70 9.21 29.99
C PRO C 206 -5.10 7.93 30.53
N TYR C 207 -5.94 6.92 30.65
CA TYR C 207 -5.48 5.62 31.09
C TYR C 207 -4.37 5.12 30.19
N LEU C 208 -4.52 5.27 28.88
CA LEU C 208 -3.48 4.81 27.98
C LEU C 208 -2.15 5.49 28.27
N ILE C 209 -2.16 6.80 28.40
CA ILE C 209 -0.94 7.53 28.73
C ILE C 209 -0.29 6.93 29.96
N ALA C 210 -1.09 6.83 31.01
CA ALA C 210 -0.63 6.23 32.23
C ALA C 210 -0.04 4.86 31.95
N ALA C 211 -0.61 4.18 30.98
CA ALA C 211 -0.24 2.80 30.72
C ALA C 211 1.12 2.72 30.06
N SER C 212 1.46 3.70 29.24
CA SER C 212 2.80 3.70 28.67
C SER C 212 3.82 4.04 29.74
N PHE C 213 3.59 5.18 30.40
CA PHE C 213 4.54 5.63 31.40
C PHE C 213 4.72 4.60 32.51
N MET C 214 3.74 3.74 32.71
CA MET C 214 3.91 2.60 33.61
C MET C 214 4.61 1.47 32.90
N ALA C 215 4.36 1.34 31.59
CA ALA C 215 4.83 0.18 30.86
C ALA C 215 6.32 0.09 30.91
N ALA C 216 7.00 1.20 30.63
CA ALA C 216 8.45 1.11 30.57
C ALA C 216 9.10 0.65 31.88
N PRO C 217 8.85 1.37 32.99
CA PRO C 217 9.57 0.96 34.20
C PRO C 217 9.16 -0.42 34.65
N GLY C 218 7.92 -0.81 34.40
CA GLY C 218 7.48 -2.14 34.72
C GLY C 218 8.20 -3.12 33.82
N GLY C 219 8.39 -2.69 32.58
CA GLY C 219 9.11 -3.49 31.61
C GLY C 219 10.44 -3.85 32.17
N LEU C 220 11.21 -2.86 32.60
CA LEU C 220 12.54 -3.13 33.12
C LEU C 220 12.45 -3.89 34.44
N LEU C 221 11.35 -3.69 35.16
CA LEU C 221 11.16 -4.35 36.43
C LEU C 221 11.16 -5.85 36.25
N PHE C 222 10.25 -6.35 35.44
CA PHE C 222 10.22 -7.80 35.23
C PHE C 222 11.36 -8.29 34.39
N ALA C 223 11.89 -7.42 33.53
CA ALA C 223 13.04 -7.78 32.73
C ALA C 223 14.20 -8.15 33.64
N LYS C 224 14.38 -7.40 34.72
CA LYS C 224 15.42 -7.74 35.67
C LYS C 224 15.02 -8.90 36.57
N LEU C 225 13.81 -8.86 37.11
CA LEU C 225 13.34 -9.94 37.98
C LEU C 225 13.50 -11.32 37.37
N LEU C 226 13.06 -11.48 36.13
CA LEU C 226 13.15 -12.79 35.51
C LEU C 226 14.60 -13.20 35.38
N VAL C 227 15.42 -12.34 34.80
CA VAL C 227 16.83 -12.66 34.60
C VAL C 227 17.79 -11.52 34.94
N PRO C 228 18.20 -11.46 36.21
CA PRO C 228 19.19 -10.48 36.68
C PRO C 228 20.51 -10.66 35.96
N GLU C 229 21.36 -9.64 36.03
CA GLU C 229 22.66 -9.69 35.36
C GLU C 229 23.74 -10.36 36.19
N THR C 230 24.44 -11.29 35.57
CA THR C 230 25.57 -11.94 36.20
C THR C 230 26.86 -11.21 35.85
N GLU C 231 27.18 -11.17 34.56
CA GLU C 231 28.43 -10.62 34.09
C GLU C 231 28.50 -9.10 34.20
N ARG C 232 29.60 -8.53 33.72
CA ARG C 232 29.87 -7.11 33.88
C ARG C 232 29.37 -6.31 32.68
N THR C 233 28.86 -5.11 32.94
CA THR C 233 28.27 -4.28 31.91
C THR C 233 29.31 -3.51 31.12
N GLN C 234 28.86 -2.55 30.33
CA GLN C 234 29.74 -1.67 29.58
C GLN C 234 29.40 -0.20 29.78
N LYS C 247 19.43 8.26 6.20
CA LYS C 247 19.33 9.27 7.24
C LYS C 247 18.59 10.50 6.74
N PRO C 248 17.77 11.11 7.60
CA PRO C 248 16.95 12.27 7.24
C PRO C 248 17.79 13.46 6.85
N THR C 249 17.49 14.09 5.72
CA THR C 249 18.25 15.24 5.29
C THR C 249 17.75 16.48 6.00
N ASN C 250 16.58 16.94 5.59
CA ASN C 250 15.95 18.07 6.25
C ASN C 250 14.68 17.62 6.95
N VAL C 251 14.02 18.53 7.66
CA VAL C 251 12.85 18.15 8.43
C VAL C 251 11.74 17.59 7.54
N ILE C 252 11.47 18.24 6.42
CA ILE C 252 10.42 17.81 5.53
C ILE C 252 10.59 16.35 5.19
N ASP C 253 11.81 15.99 4.80
CA ASP C 253 12.07 14.62 4.44
C ASP C 253 11.81 13.69 5.59
N ALA C 254 12.11 14.13 6.79
CA ALA C 254 11.88 13.29 7.93
C ALA C 254 10.41 13.01 8.01
N ALA C 255 9.61 14.06 7.87
CA ALA C 255 8.18 13.92 7.94
C ALA C 255 7.69 12.93 6.89
N ALA C 256 8.27 13.01 5.69
CA ALA C 256 7.88 12.10 4.63
C ALA C 256 8.19 10.64 4.97
N SER C 257 9.44 10.36 5.25
CA SER C 257 9.85 8.99 5.54
C SER C 257 9.03 8.42 6.68
N GLY C 258 8.74 9.28 7.64
CA GLY C 258 7.87 8.90 8.73
C GLY C 258 6.51 8.49 8.20
N ALA C 259 5.97 9.27 7.29
CA ALA C 259 4.65 8.98 6.75
C ALA C 259 4.63 7.64 6.05
N VAL C 260 5.48 7.47 5.05
CA VAL C 260 5.46 6.23 4.28
C VAL C 260 5.75 5.01 5.13
N THR C 261 6.76 5.11 5.98
CA THR C 261 7.03 4.03 6.91
C THR C 261 5.74 3.74 7.64
N GLY C 262 5.05 4.79 8.03
CA GLY C 262 3.76 4.63 8.65
C GLY C 262 2.77 3.95 7.73
N ALA C 263 2.97 4.05 6.43
CA ALA C 263 2.01 3.44 5.53
C ALA C 263 2.20 1.96 5.54
N GLN C 264 3.44 1.51 5.40
CA GLN C 264 3.68 0.07 5.39
C GLN C 264 3.24 -0.49 6.73
N ILE C 265 3.43 0.29 7.78
CA ILE C 265 2.97 -0.14 9.08
C ILE C 265 1.46 -0.26 9.08
N ALA C 266 0.78 0.73 8.51
CA ALA C 266 -0.66 0.76 8.49
C ALA C 266 -1.21 -0.48 7.85
N ILE C 267 -0.83 -0.70 6.60
CA ILE C 267 -1.29 -1.88 5.89
C ILE C 267 -0.98 -3.14 6.67
N ALA C 268 0.20 -3.18 7.27
CA ALA C 268 0.57 -4.32 8.09
C ALA C 268 -0.47 -4.60 9.16
N VAL C 269 -0.77 -3.57 9.94
CA VAL C 269 -1.71 -3.72 11.03
C VAL C 269 -3.07 -4.13 10.52
N GLY C 270 -3.64 -3.32 9.64
CA GLY C 270 -4.98 -3.56 9.15
C GLY C 270 -5.16 -4.97 8.62
N ALA C 271 -4.27 -5.37 7.74
CA ALA C 271 -4.35 -6.70 7.17
C ALA C 271 -4.25 -7.74 8.26
N SER C 272 -3.27 -7.56 9.14
CA SER C 272 -3.08 -8.52 10.22
C SER C 272 -4.35 -8.69 11.02
N LEU C 273 -5.08 -7.60 11.18
CA LEU C 273 -6.29 -7.64 11.97
C LEU C 273 -7.41 -8.36 11.26
N LEU C 274 -7.63 -8.04 9.99
CA LEU C 274 -8.68 -8.74 9.25
C LEU C 274 -8.42 -10.23 9.33
N ALA C 275 -7.16 -10.58 9.15
CA ALA C 275 -6.76 -11.96 9.27
C ALA C 275 -7.17 -12.53 10.60
N PHE C 276 -6.60 -11.99 11.68
CA PHE C 276 -6.85 -12.54 13.00
C PHE C 276 -8.34 -12.66 13.32
N VAL C 277 -9.11 -11.63 13.02
CA VAL C 277 -10.54 -11.67 13.26
C VAL C 277 -11.19 -12.81 12.51
N ALA C 278 -10.97 -12.86 11.21
CA ALA C 278 -11.65 -13.85 10.41
C ALA C 278 -11.27 -15.26 10.83
N LEU C 279 -9.98 -15.48 11.06
CA LEU C 279 -9.52 -16.76 11.56
C LEU C 279 -10.24 -17.14 12.83
N ILE C 280 -10.16 -16.28 13.83
CA ILE C 280 -10.82 -16.55 15.10
C ILE C 280 -12.29 -16.87 14.87
N ALA C 281 -12.91 -16.18 13.92
CA ALA C 281 -14.27 -16.52 13.56
C ALA C 281 -14.37 -17.97 13.13
N MET C 282 -13.46 -18.39 12.25
CA MET C 282 -13.51 -19.77 11.75
C MET C 282 -13.34 -20.74 12.90
N ILE C 283 -12.39 -20.45 13.78
CA ILE C 283 -12.12 -21.33 14.90
C ILE C 283 -13.35 -21.45 15.76
N ASN C 284 -14.07 -20.35 15.98
CA ASN C 284 -15.33 -20.44 16.68
C ASN C 284 -16.35 -21.25 15.91
N GLY C 285 -16.23 -21.28 14.59
CA GLY C 285 -17.09 -22.14 13.80
C GLY C 285 -16.85 -23.59 14.18
N ILE C 286 -15.59 -24.01 14.14
CA ILE C 286 -15.26 -25.39 14.44
C ILE C 286 -15.51 -25.78 15.91
N ILE C 287 -15.00 -24.99 16.84
CA ILE C 287 -15.21 -25.28 18.26
C ILE C 287 -16.69 -25.30 18.57
N GLY C 288 -17.41 -24.36 17.99
CA GLY C 288 -18.85 -24.34 18.10
C GLY C 288 -19.42 -25.65 17.57
N GLY C 289 -18.79 -26.19 16.54
CA GLY C 289 -19.22 -27.44 15.97
C GLY C 289 -19.03 -28.62 16.90
N VAL C 290 -17.80 -28.82 17.38
CA VAL C 290 -17.49 -29.96 18.21
C VAL C 290 -18.17 -29.85 19.57
N GLY C 291 -18.62 -28.64 19.89
CA GLY C 291 -19.41 -28.43 21.07
C GLY C 291 -20.62 -29.34 21.06
N GLY C 292 -21.23 -29.51 19.88
CA GLY C 292 -22.36 -30.39 19.72
C GLY C 292 -22.04 -31.84 20.01
N TRP C 293 -20.90 -32.32 19.50
CA TRP C 293 -20.41 -33.64 19.83
C TRP C 293 -20.33 -33.77 21.35
N PHE C 294 -19.77 -32.75 22.00
CA PHE C 294 -19.74 -32.72 23.46
C PHE C 294 -21.01 -32.13 24.07
N GLY C 295 -21.95 -31.70 23.22
CA GLY C 295 -23.25 -31.29 23.71
C GLY C 295 -23.43 -29.80 23.98
N HIS C 296 -22.54 -28.98 23.46
CA HIS C 296 -22.72 -27.53 23.54
C HIS C 296 -23.09 -26.97 22.18
N GLY C 297 -24.28 -26.39 22.08
CA GLY C 297 -24.73 -25.82 20.84
C GLY C 297 -23.83 -24.69 20.38
N ASP C 298 -23.63 -23.70 21.24
CA ASP C 298 -22.85 -22.53 20.86
C ASP C 298 -21.78 -22.23 21.88
N LEU C 299 -20.56 -22.07 21.38
CA LEU C 299 -19.42 -21.70 22.20
C LEU C 299 -18.48 -20.82 21.39
N THR C 300 -17.86 -19.87 22.06
CA THR C 300 -16.90 -19.01 21.40
C THR C 300 -15.53 -19.19 22.03
N LEU C 301 -14.48 -18.89 21.28
CA LEU C 301 -13.13 -18.98 21.83
C LEU C 301 -12.97 -17.99 22.95
N GLN C 302 -13.61 -16.83 22.78
CA GLN C 302 -13.58 -15.78 23.77
C GLN C 302 -13.95 -16.31 25.14
N ALA C 303 -15.11 -16.94 25.23
CA ALA C 303 -15.58 -17.45 26.50
C ALA C 303 -14.59 -18.44 27.08
N ILE C 304 -14.00 -19.25 26.22
CA ILE C 304 -13.07 -20.26 26.67
C ILE C 304 -11.89 -19.61 27.37
N LEU C 305 -11.29 -18.64 26.70
CA LEU C 305 -10.18 -17.93 27.30
C LEU C 305 -10.65 -17.28 28.57
N GLY C 306 -11.90 -16.87 28.57
CA GLY C 306 -12.52 -16.27 29.72
C GLY C 306 -12.57 -17.24 30.88
N TRP C 307 -12.58 -18.53 30.56
CA TRP C 307 -12.51 -19.52 31.61
C TRP C 307 -11.06 -19.68 32.04
N LEU C 308 -10.16 -19.69 31.09
CA LEU C 308 -8.75 -19.92 31.40
C LEU C 308 -8.17 -18.80 32.26
N PHE C 309 -8.35 -17.56 31.82
CA PHE C 309 -7.73 -16.42 32.47
C PHE C 309 -8.58 -15.74 33.53
N SER C 310 -9.77 -16.28 33.79
CA SER C 310 -10.61 -15.72 34.83
C SER C 310 -9.91 -15.61 36.18
N PRO C 311 -9.22 -16.68 36.63
CA PRO C 311 -8.59 -16.54 37.94
C PRO C 311 -7.59 -15.42 37.96
N LEU C 312 -6.86 -15.33 36.86
CA LEU C 312 -5.89 -14.27 36.69
C LEU C 312 -6.58 -12.93 36.79
N ALA C 313 -7.82 -12.88 36.34
CA ALA C 313 -8.60 -11.66 36.41
C ALA C 313 -9.09 -11.42 37.83
N TRP C 314 -9.12 -12.47 38.64
CA TRP C 314 -9.51 -12.30 40.03
C TRP C 314 -8.34 -11.79 40.86
N VAL C 315 -7.14 -12.26 40.54
CA VAL C 315 -5.95 -11.86 41.26
C VAL C 315 -5.74 -10.37 41.17
N ILE C 316 -5.94 -9.84 39.98
CA ILE C 316 -5.64 -8.44 39.69
C ILE C 316 -6.64 -7.48 40.32
N GLY C 317 -7.68 -8.02 40.95
CA GLY C 317 -8.57 -7.18 41.74
C GLY C 317 -9.96 -6.96 41.16
N VAL C 318 -10.18 -7.45 39.95
CA VAL C 318 -11.48 -7.29 39.34
C VAL C 318 -12.50 -8.17 40.03
N PRO C 319 -13.66 -7.59 40.37
CA PRO C 319 -14.78 -8.36 40.88
C PRO C 319 -15.19 -9.45 39.92
N TRP C 320 -15.58 -10.60 40.44
CA TRP C 320 -15.80 -11.79 39.61
C TRP C 320 -16.78 -11.55 38.48
N SER C 321 -17.95 -11.02 38.82
CA SER C 321 -19.07 -10.87 37.92
C SER C 321 -18.64 -10.25 36.60
N GLU C 322 -17.75 -9.27 36.70
CA GLU C 322 -17.15 -8.68 35.53
C GLU C 322 -15.79 -9.32 35.19
N ALA C 323 -15.26 -10.12 36.10
CA ALA C 323 -13.94 -10.67 35.90
C ALA C 323 -13.97 -11.73 34.83
N GLY C 324 -15.15 -12.32 34.63
CA GLY C 324 -15.29 -13.24 33.51
C GLY C 324 -14.86 -12.59 32.21
N ILE C 325 -15.43 -11.42 31.95
CA ILE C 325 -15.13 -10.69 30.73
C ILE C 325 -13.74 -10.09 30.80
N ALA C 326 -13.28 -9.76 32.00
CA ALA C 326 -11.93 -9.24 32.16
C ALA C 326 -10.90 -10.24 31.66
N GLY C 327 -10.92 -11.44 32.25
CA GLY C 327 -10.00 -12.48 31.85
C GLY C 327 -10.23 -12.85 30.41
N SER C 328 -11.49 -12.78 29.98
CA SER C 328 -11.83 -13.04 28.60
C SER C 328 -11.00 -12.17 27.69
N LEU C 329 -10.98 -10.89 27.97
CA LEU C 329 -10.28 -9.95 27.11
C LEU C 329 -8.77 -10.00 27.29
N ILE C 330 -8.30 -10.21 28.50
CA ILE C 330 -6.86 -10.27 28.69
C ILE C 330 -6.30 -11.44 27.90
N GLY C 331 -6.88 -12.60 28.14
CA GLY C 331 -6.47 -13.78 27.41
C GLY C 331 -6.61 -13.53 25.93
N GLN C 332 -7.69 -12.86 25.54
CA GLN C 332 -7.95 -12.65 24.12
C GLN C 332 -6.95 -11.66 23.55
N LYS C 333 -6.19 -11.01 24.43
CA LYS C 333 -5.04 -10.26 23.94
C LYS C 333 -3.86 -11.16 23.78
N VAL C 334 -3.41 -11.70 24.90
CA VAL C 334 -2.15 -12.44 24.96
C VAL C 334 -1.98 -13.46 23.85
N VAL C 335 -2.98 -14.32 23.67
CA VAL C 335 -2.86 -15.34 22.65
C VAL C 335 -3.06 -14.79 21.25
N ILE C 336 -3.57 -13.57 21.14
CA ILE C 336 -3.79 -13.03 19.82
C ILE C 336 -3.03 -11.72 19.60
N ASN C 337 -3.58 -10.62 20.11
CA ASN C 337 -2.97 -9.30 20.01
C ASN C 337 -3.92 -8.25 20.58
N GLU C 338 -3.47 -7.00 20.61
CA GLU C 338 -4.22 -5.95 21.26
C GLU C 338 -5.44 -5.39 20.50
N PHE C 339 -5.27 -5.00 19.24
CA PHE C 339 -6.34 -4.31 18.54
C PHE C 339 -7.63 -5.08 18.48
N VAL C 340 -7.53 -6.39 18.35
CA VAL C 340 -8.72 -7.22 18.43
C VAL C 340 -9.40 -6.96 19.75
N ALA C 341 -8.63 -7.16 20.82
CA ALA C 341 -9.14 -7.06 22.16
C ALA C 341 -9.86 -5.74 22.40
N TYR C 342 -9.17 -4.63 22.17
CA TYR C 342 -9.83 -3.34 22.35
C TYR C 342 -11.07 -3.24 21.46
N SER C 343 -10.97 -3.75 20.24
CA SER C 343 -12.08 -3.61 19.31
C SER C 343 -13.30 -4.36 19.77
N GLU C 344 -13.11 -5.34 20.65
CA GLU C 344 -14.25 -5.96 21.31
C GLU C 344 -14.55 -5.30 22.65
N PHE C 345 -13.64 -4.46 23.11
CA PHE C 345 -13.83 -3.76 24.38
C PHE C 345 -14.78 -2.59 24.19
N VAL C 346 -14.61 -1.90 23.07
CA VAL C 346 -15.40 -0.72 22.79
C VAL C 346 -16.88 -1.07 22.66
N LYS C 347 -17.17 -2.35 22.46
CA LYS C 347 -18.55 -2.79 22.44
C LYS C 347 -19.13 -2.57 23.83
N TYR C 348 -18.33 -2.85 24.84
CA TYR C 348 -18.74 -2.60 26.22
C TYR C 348 -18.64 -1.12 26.53
N LEU C 349 -17.77 -0.41 25.82
CA LEU C 349 -17.60 1.00 26.10
C LEU C 349 -18.81 1.80 25.64
N LYS C 350 -19.06 1.80 24.33
CA LYS C 350 -20.12 2.62 23.75
C LYS C 350 -21.43 2.31 24.44
N PRO C 351 -21.98 3.31 25.13
CA PRO C 351 -23.07 3.05 26.07
C PRO C 351 -24.47 3.10 25.48
N GLU C 352 -24.69 2.42 24.37
CA GLU C 352 -26.06 2.13 23.98
C GLU C 352 -26.37 0.70 24.37
N ALA C 353 -25.40 0.00 24.93
CA ALA C 353 -25.66 -1.38 25.30
C ALA C 353 -26.11 -1.44 26.74
N ALA C 354 -26.54 -2.62 27.16
CA ALA C 354 -27.05 -2.80 28.51
C ALA C 354 -26.00 -3.39 29.40
N VAL C 355 -24.87 -3.77 28.82
CA VAL C 355 -23.89 -4.49 29.61
C VAL C 355 -23.11 -3.49 30.41
N GLN C 356 -23.19 -3.61 31.72
CA GLN C 356 -22.56 -2.65 32.59
C GLN C 356 -21.21 -3.17 33.04
N LEU C 357 -20.23 -2.29 33.08
CA LEU C 357 -18.93 -2.64 33.64
C LEU C 357 -18.47 -1.60 34.64
N SER C 358 -18.05 -2.07 35.80
CA SER C 358 -17.68 -1.21 36.89
C SER C 358 -16.47 -0.38 36.53
N ASP C 359 -16.32 0.73 37.23
CA ASP C 359 -15.26 1.70 36.98
C ASP C 359 -13.90 1.03 37.05
N THR C 360 -13.65 0.41 38.19
CA THR C 360 -12.41 -0.29 38.45
C THR C 360 -12.11 -1.34 37.37
N THR C 361 -13.17 -1.96 36.87
CA THR C 361 -13.02 -2.95 35.82
C THR C 361 -12.52 -2.28 34.55
N LYS C 362 -13.22 -1.24 34.12
CA LYS C 362 -12.82 -0.49 32.93
C LYS C 362 -11.36 -0.10 33.03
N ALA C 363 -10.97 0.39 34.19
CA ALA C 363 -9.58 0.77 34.41
C ALA C 363 -8.65 -0.40 34.16
N ILE C 364 -8.75 -1.40 35.02
CA ILE C 364 -7.81 -2.51 34.99
C ILE C 364 -7.69 -3.11 33.61
N ILE C 365 -8.81 -3.28 32.93
CA ILE C 365 -8.77 -3.81 31.58
C ILE C 365 -8.03 -2.86 30.66
N SER C 366 -8.36 -1.57 30.75
CA SER C 366 -7.76 -0.58 29.88
C SER C 366 -6.25 -0.63 29.97
N PHE C 367 -5.70 -0.64 31.17
CA PHE C 367 -4.26 -0.80 31.27
C PHE C 367 -3.80 -2.14 30.72
N ALA C 368 -4.34 -3.22 31.28
CA ALA C 368 -3.79 -4.54 31.02
C ALA C 368 -3.72 -4.86 29.54
N LEU C 369 -4.65 -4.33 28.76
CA LEU C 369 -4.67 -4.63 27.34
C LEU C 369 -3.79 -3.68 26.58
N CYS C 370 -3.10 -2.78 27.28
CA CYS C 370 -2.13 -1.93 26.62
C CYS C 370 -0.76 -2.56 26.67
N GLY C 371 -0.30 -3.02 25.52
CA GLY C 371 0.96 -3.70 25.43
C GLY C 371 1.05 -4.45 24.11
N PHE C 372 2.26 -4.87 23.76
CA PHE C 372 2.48 -5.59 22.51
C PHE C 372 2.48 -7.08 22.72
N ALA C 373 2.31 -7.52 23.96
CA ALA C 373 2.64 -8.88 24.29
C ALA C 373 1.70 -9.85 23.61
N ASN C 374 2.27 -10.73 22.82
CA ASN C 374 1.50 -11.79 22.18
C ASN C 374 2.45 -12.82 21.61
N LEU C 375 1.89 -13.75 20.86
CA LEU C 375 2.70 -14.79 20.29
C LEU C 375 3.42 -14.24 19.06
N GLY C 376 2.73 -13.44 18.28
CA GLY C 376 3.29 -12.91 17.06
C GLY C 376 4.47 -11.99 17.33
N SER C 377 4.35 -11.23 18.42
CA SER C 377 5.36 -10.25 18.74
C SER C 377 6.73 -10.87 18.94
N ILE C 378 6.74 -12.14 19.35
CA ILE C 378 8.01 -12.86 19.45
C ILE C 378 8.76 -12.81 18.14
N ALA C 379 8.10 -13.25 17.08
CA ALA C 379 8.76 -13.33 15.80
C ALA C 379 8.96 -11.95 15.23
N VAL C 380 8.06 -11.03 15.56
CA VAL C 380 8.27 -9.66 15.16
C VAL C 380 9.63 -9.20 15.66
N LEU C 381 9.90 -9.52 16.92
CA LEU C 381 11.13 -9.08 17.55
C LEU C 381 12.33 -9.83 17.01
N VAL C 382 12.35 -11.14 17.19
CA VAL C 382 13.46 -11.96 16.73
C VAL C 382 13.83 -11.62 15.30
N GLY C 383 12.83 -11.52 14.45
CA GLY C 383 13.06 -11.18 13.05
C GLY C 383 13.65 -9.79 12.91
N GLY C 384 12.97 -8.79 13.48
CA GLY C 384 13.40 -7.41 13.30
C GLY C 384 14.74 -7.10 13.93
N LEU C 385 15.13 -7.93 14.88
CA LEU C 385 16.34 -7.75 15.64
C LEU C 385 17.48 -8.54 15.00
N SER C 386 17.12 -9.39 14.05
CA SER C 386 18.11 -10.24 13.40
C SER C 386 19.01 -9.44 12.49
N ILE C 387 18.41 -8.56 11.70
CA ILE C 387 19.17 -7.76 10.73
C ILE C 387 20.20 -6.89 11.43
N MET C 388 19.92 -6.50 12.66
CA MET C 388 20.88 -5.73 13.44
C MET C 388 22.03 -6.57 13.96
N ALA C 389 21.73 -7.53 14.84
CA ALA C 389 22.78 -8.35 15.41
C ALA C 389 22.40 -9.82 15.36
N PRO C 390 22.55 -10.43 14.17
CA PRO C 390 22.09 -11.79 13.90
C PRO C 390 22.82 -12.83 14.72
N LYS C 391 23.96 -12.47 15.29
CA LYS C 391 24.74 -13.41 16.08
C LYS C 391 23.94 -13.94 17.26
N ARG C 392 23.06 -13.10 17.79
CA ARG C 392 22.33 -13.43 19.00
C ARG C 392 20.96 -14.02 18.72
N ARG C 393 20.63 -14.21 17.45
CA ARG C 393 19.30 -14.65 17.04
C ARG C 393 18.81 -15.85 17.83
N LYS C 394 19.69 -16.82 18.04
CA LYS C 394 19.33 -18.00 18.81
C LYS C 394 18.92 -17.62 20.22
N ASP C 395 19.81 -16.94 20.92
CA ASP C 395 19.55 -16.51 22.29
C ASP C 395 18.23 -15.76 22.38
N VAL C 396 18.01 -14.84 21.44
CA VAL C 396 16.81 -14.02 21.45
C VAL C 396 15.59 -14.89 21.32
N ALA C 397 15.60 -15.80 20.35
CA ALA C 397 14.48 -16.70 20.17
C ALA C 397 14.25 -17.48 21.44
N ARG C 398 15.32 -17.76 22.15
CA ARG C 398 15.24 -18.54 23.38
C ARG C 398 14.52 -17.76 24.46
N LEU C 399 14.70 -16.45 24.47
CA LEU C 399 14.13 -15.64 25.53
C LEU C 399 12.78 -15.07 25.16
N GLY C 400 12.30 -15.42 23.97
CA GLY C 400 11.09 -14.84 23.44
C GLY C 400 9.86 -15.00 24.31
N ILE C 401 9.55 -16.25 24.66
CA ILE C 401 8.35 -16.51 25.43
C ILE C 401 8.44 -15.92 26.83
N LYS C 402 9.56 -16.15 27.51
CA LYS C 402 9.74 -15.60 28.84
C LYS C 402 9.62 -14.08 28.82
N ALA C 403 10.06 -13.48 27.72
CA ALA C 403 9.93 -12.05 27.56
C ALA C 403 8.48 -11.64 27.41
N VAL C 404 7.74 -12.37 26.58
CA VAL C 404 6.32 -12.09 26.44
C VAL C 404 5.65 -12.18 27.79
N VAL C 405 6.12 -13.11 28.60
CA VAL C 405 5.65 -13.22 29.96
C VAL C 405 6.00 -11.96 30.73
N ALA C 406 7.20 -11.44 30.53
CA ALA C 406 7.63 -10.23 31.24
C ALA C 406 6.70 -9.08 30.93
N GLY C 407 6.55 -8.78 29.65
CA GLY C 407 5.70 -7.69 29.23
C GLY C 407 4.30 -7.88 29.77
N SER C 408 3.83 -9.11 29.68
CA SER C 408 2.49 -9.43 30.16
C SER C 408 2.38 -9.06 31.62
N LEU C 409 3.31 -9.55 32.44
CA LEU C 409 3.29 -9.30 33.86
C LEU C 409 3.38 -7.82 34.14
N SER C 410 4.09 -7.09 33.30
CA SER C 410 4.26 -5.67 33.52
C SER C 410 2.90 -5.02 33.37
N ASN C 411 2.27 -5.25 32.24
CA ASN C 411 0.97 -4.64 32.00
C ASN C 411 -0.06 -5.08 33.04
N LEU C 412 0.04 -6.32 33.50
CA LEU C 412 -0.90 -6.78 34.51
C LEU C 412 -0.66 -6.07 35.83
N MET C 413 0.61 -5.88 36.19
CA MET C 413 0.93 -5.11 37.38
C MET C 413 0.36 -3.72 37.30
N SER C 414 0.59 -3.05 36.18
CA SER C 414 0.05 -1.72 35.99
C SER C 414 -1.45 -1.74 36.19
N ALA C 415 -2.10 -2.72 35.59
CA ALA C 415 -3.53 -2.86 35.75
C ALA C 415 -3.91 -2.99 37.22
N VAL C 416 -3.10 -3.71 37.97
CA VAL C 416 -3.37 -3.86 39.38
C VAL C 416 -3.28 -2.51 40.07
N ILE C 417 -2.24 -1.74 39.74
CA ILE C 417 -2.08 -0.42 40.32
C ILE C 417 -3.31 0.42 40.03
N ALA C 418 -3.86 0.27 38.83
CA ALA C 418 -5.12 0.93 38.53
C ALA C 418 -6.18 0.52 39.53
N GLY C 419 -6.37 -0.79 39.64
CA GLY C 419 -7.40 -1.31 40.52
C GLY C 419 -7.25 -0.80 41.93
N LEU C 420 -6.03 -0.51 42.32
CA LEU C 420 -5.75 -0.04 43.65
C LEU C 420 -6.43 1.29 43.88
N PHE C 421 -6.40 2.17 42.89
CA PHE C 421 -6.84 3.53 43.15
C PHE C 421 -8.28 3.77 42.70
N THR C 422 -9.14 3.89 43.70
CA THR C 422 -10.56 4.11 43.52
C THR C 422 -10.95 5.58 43.70
N GLY C 423 -9.97 6.41 44.03
CA GLY C 423 -10.22 7.80 44.36
C GLY C 423 -11.01 8.54 43.30
N LEU C 424 -10.74 8.23 42.04
CA LEU C 424 -11.37 8.93 40.93
C LEU C 424 -12.11 7.95 40.04
N SER C 425 -12.98 8.46 39.18
CA SER C 425 -13.77 7.61 38.31
C SER C 425 -13.42 7.81 36.85
N GLY C 426 -13.67 6.78 36.04
CA GLY C 426 -13.38 6.83 34.62
C GLY C 426 -14.36 7.70 33.87
N ALA C 427 -14.26 7.68 32.55
CA ALA C 427 -15.13 8.48 31.70
C ALA C 427 -16.57 7.98 31.73
C07 6ZL D . 1.72 18.19 29.73
C08 6ZL D . 2.01 18.66 31.17
C09 6ZL D . 2.41 20.14 31.16
C18 6ZL D . 2.05 20.75 32.52
O19 6ZL D . 3.20 20.77 33.39
C20 6ZL D . 4.28 21.66 33.05
O21 6ZL D . 5.36 21.54 33.99
C22 6ZL D . 5.18 22.05 35.33
C23 6ZL D . 4.47 21.01 36.20
O24 6ZL D . 5.41 19.99 36.58
C25 6ZL D . 4.40 23.38 35.31
O26 6ZL D . 4.90 24.26 36.31
C27 6ZL D . 3.94 24.99 37.07
O28 6ZL D . 2.68 24.32 36.97
C29 6ZL D . 1.61 24.97 37.65
C30 6ZL D . 1.33 26.34 37.02
O31 6ZL D . 0.90 27.25 38.03
C32 6ZL D . 1.98 25.16 39.13
O33 6ZL D . 0.95 24.62 39.96
C34 6ZL D . 3.28 24.40 39.40
O35 6ZL D . 3.62 24.52 40.78
C36 6ZL D . 4.39 25.02 38.53
O37 6ZL D . 5.58 24.26 38.67
C38 6ZL D . 4.55 24.00 33.92
O39 6ZL D . 4.00 25.32 33.89
C40 6ZL D . 3.75 23.12 32.96
O41 6ZL D . 3.92 23.61 31.63
C42 6ZL D . 1.66 20.90 30.05
O43 6ZL D . 0.41 21.33 30.57
C44 6ZL D . -0.42 22.23 29.85
O45 6ZL D . -1.02 21.62 28.71
C46 6ZL D . -2.04 22.43 28.14
C47 6ZL D . -2.62 21.70 26.91
O48 6ZL D . -2.65 22.61 25.82
C49 6ZL D . -1.47 23.77 27.66
O50 6ZL D . -2.50 24.62 27.13
C51 6ZL D . -3.69 24.94 27.86
O52 6ZL D . -3.81 26.34 27.94
C53 6ZL D . -4.96 26.84 28.64
C54 6ZL D . -4.81 26.57 30.15
O55 6ZL D . -3.98 27.58 30.73
C56 6ZL D . -6.29 26.26 28.12
O57 6ZL D . -6.68 26.94 26.93
C58 6ZL D . -6.19 24.75 27.81
O59 6ZL D . -6.20 24.01 29.02
C60 6ZL D . -4.89 24.46 27.05
O61 6ZL D . -4.89 25.19 25.83
C62 6ZL D . -0.68 24.45 28.80
O63 6ZL D . -0.03 25.61 28.28
C64 6ZL D . 0.36 23.46 29.35
O65 6ZL D . 1.07 24.04 30.44
C05 6ZL E . 3.57 14.29 21.92
C06 6ZL E . 3.08 15.57 21.21
C07 6ZL E . 3.68 16.81 21.91
C08 6ZL E . 3.56 18.04 21.00
C09 6ZL E . 4.33 19.24 21.57
C10 6ZL E . 5.60 18.76 22.31
C18 6ZL E . 4.75 20.16 20.44
C42 6ZL E . 3.43 20.02 22.55
O43 6ZL E . 2.11 20.04 22.02
C44 6ZL E . 1.54 21.30 21.67
O45 6ZL E . 1.31 22.10 22.83
C46 6ZL E . 0.78 23.39 22.50
C47 6ZL E . 0.71 24.28 23.76
O48 6ZL E . 0.74 25.66 23.37
C49 6ZL E . -0.61 23.23 21.88
O50 6ZL E . -1.07 24.54 21.53
C51 6ZL E . -2.48 24.77 21.39
O52 6ZL E . -3.09 24.84 22.67
C53 6ZL E . -4.50 24.98 22.64
C54 6ZL E . -5.14 23.72 22.02
O55 6ZL E . -4.51 22.56 22.55
C56 6ZL E . -4.92 26.24 21.85
O57 6ZL E . -4.62 27.39 22.64
C58 6ZL E . -4.19 26.38 20.51
O59 6ZL E . -4.74 25.50 19.53
C60 6ZL E . -2.68 26.11 20.67
O61 6ZL E . -2.09 27.14 21.47
C62 6ZL E . -0.47 22.37 20.62
O63 6ZL E . -1.76 22.09 20.07
C64 6ZL E . 0.20 21.04 20.97
O65 6ZL E . 0.46 20.31 19.77
C1 6ZL E . 3.69 13.18 20.87
C2 6ZL E . 2.72 12.03 21.22
C3 6ZL E . 3.48 10.70 21.30
C4 6ZL E . 2.69 9.71 22.18
#